data_5NIW
#
_entry.id   5NIW
#
_cell.length_a   128.100
_cell.length_b   128.100
_cell.length_c   77.650
_cell.angle_alpha   90.00
_cell.angle_beta   90.00
_cell.angle_gamma   120.00
#
_symmetry.space_group_name_H-M   'P 32 2 1'
#
loop_
_entity.id
_entity.type
_entity.pdbx_description
1 polymer 'Glucose oxidase'
2 branched beta-D-mannopyranose-(1-4)-2-acetamido-2-deoxy-beta-D-glucopyranose-(1-4)-2-acetamido-2-deoxy-beta-D-glucopyranose
3 non-polymer 'FLAVIN-ADENINE DINUCLEOTIDE'
4 non-polymer 'OXYGEN MOLECULE'
5 non-polymer 2-acetamido-2-deoxy-beta-D-glucopyranose
6 non-polymer '1,4-DIETHYLENE DIOXIDE'
7 non-polymer DI(HYDROXYETHYL)ETHER
8 non-polymer 'O-ACETALDEHYDYL-HEXAETHYLENE GLYCOL'
9 water water
#
_entity_poly.entity_id   1
_entity_poly.type   'polypeptide(L)'
_entity_poly.pdbx_seq_one_letter_code
;GIEASLLTDPKDVSGRTVDYIIAGGGLVGLTTAAKLTENPNISVLVIESGSYESDRGPIIEDLNAYGDIFGSSVDHAYET
VELATNNQTALVRSGNGLGGSTLINGGTWTRPHKAQVDSWETVFGNEGWNWDNVAAYSLQAERARAPNAKQIAAGHYFNT
SCHGVNGTVHAGPRDTGDDYSPIVKALMSAVEDRGVPTKKDFGCGDPHGVSMFPNTLHEDQVRSDAAREWLLPNYQRPNL
QVLTGQYVGKVLLSQNGTTPRAVGVEFGTHKGNTHNVYAKHEVLLAAGSAVSPTILEYSGIGMKSILEPLGIDTVVDLPV
GLNLQDQTTATVRSRITSAGAGQGQAAWFATFNETFGDYSEKAHELLNTKLEQWAEEAVARGGFHNTTALLIQYENYRDW
IVNHNVAYSELFLDTAGVASFDVWDLLPFTRGYVHILDKDPYLHHFAYDPQYFLNELDLLGQAAATQLARNISNSGAMQT
YFAGETIPGDNLAYDADLSAWTEYIPYHFRPNYHGVGTCSMMPKEMGGVVDNAARVYGVQGLRVIDGSIPPTQVSSHVMT
VFYAMALKISDAILEDYASMQ
;
_entity_poly.pdbx_strand_id   A
#
loop_
_chem_comp.id
_chem_comp.type
_chem_comp.name
_chem_comp.formula
BMA D-saccharide, beta linking beta-D-mannopyranose 'C6 H12 O6'
DIO non-polymer '1,4-DIETHYLENE DIOXIDE' 'C4 H8 O2'
FAD non-polymer 'FLAVIN-ADENINE DINUCLEOTIDE' 'C27 H33 N9 O15 P2'
NAG D-saccharide, beta linking 2-acetamido-2-deoxy-beta-D-glucopyranose 'C8 H15 N O6'
OXY non-polymer 'OXYGEN MOLECULE' O2
P4C non-polymer 'O-ACETALDEHYDYL-HEXAETHYLENE GLYCOL' 'C14 H28 O8'
PEG non-polymer DI(HYDROXYETHYL)ETHER 'C4 H10 O3'
#
# COMPACT_ATOMS: atom_id res chain seq x y z
N GLY A 1 4.53 1.15 -31.33
CA GLY A 1 3.91 0.69 -30.09
C GLY A 1 4.02 1.80 -29.06
N ILE A 2 3.67 1.45 -27.84
CA ILE A 2 3.74 2.43 -26.73
C ILE A 2 5.10 3.06 -26.58
N GLU A 3 6.16 2.32 -26.86
CA GLU A 3 7.51 2.77 -26.63
C GLU A 3 7.85 3.96 -27.44
N ALA A 4 7.42 3.98 -28.69
CA ALA A 4 7.66 5.06 -29.63
C ALA A 4 6.89 6.31 -29.22
N SER A 5 5.80 6.15 -28.44
CA SER A 5 4.98 7.30 -28.06
C SER A 5 5.53 7.98 -26.81
N LEU A 6 6.36 7.30 -26.05
CA LEU A 6 6.78 7.81 -24.75
C LEU A 6 7.81 8.94 -24.98
N LEU A 7 7.72 10.01 -24.22
CA LEU A 7 8.73 11.10 -24.24
C LEU A 7 9.91 10.78 -23.36
N THR A 8 11.11 11.02 -23.86
CA THR A 8 12.31 10.90 -23.08
C THR A 8 13.21 12.12 -23.02
N ASP A 9 13.06 13.02 -23.95
CA ASP A 9 13.84 14.23 -23.95
C ASP A 9 13.12 15.37 -23.24
N PRO A 10 13.70 15.88 -22.14
CA PRO A 10 13.06 17.00 -21.42
C PRO A 10 12.75 18.18 -22.27
N LYS A 11 13.57 18.45 -23.30
CA LYS A 11 13.24 19.54 -24.20
C LYS A 11 11.92 19.43 -24.89
N ASP A 12 11.32 18.23 -24.96
CA ASP A 12 9.96 18.10 -25.54
C ASP A 12 8.87 18.78 -24.65
N VAL A 13 9.09 18.95 -23.35
CA VAL A 13 8.04 19.54 -22.53
C VAL A 13 8.46 20.83 -21.84
N SER A 14 9.75 21.05 -21.80
CA SER A 14 10.31 22.19 -21.07
C SER A 14 9.58 23.49 -21.42
N GLY A 15 9.12 24.25 -20.43
CA GLY A 15 8.49 25.53 -20.73
C GLY A 15 7.08 25.45 -21.30
N ARG A 16 6.55 24.24 -21.52
CA ARG A 16 5.19 24.07 -22.02
C ARG A 16 4.16 24.06 -20.94
N THR A 17 2.91 24.23 -21.36
CA THR A 17 1.77 24.17 -20.46
C THR A 17 0.82 23.04 -20.82
N VAL A 18 0.38 22.27 -19.81
CA VAL A 18 -0.70 21.30 -19.95
C VAL A 18 -1.79 21.64 -18.95
N ASP A 19 -2.96 20.96 -19.03
CA ASP A 19 -3.96 21.19 -18.01
C ASP A 19 -3.58 20.59 -16.64
N TYR A 20 -3.10 19.36 -16.65
CA TYR A 20 -2.73 18.66 -15.41
C TYR A 20 -1.35 18.01 -15.56
N ILE A 21 -0.52 18.13 -14.55
CA ILE A 21 0.72 17.41 -14.42
C ILE A 21 0.48 16.37 -13.31
N ILE A 22 0.82 15.09 -13.61
CA ILE A 22 0.77 14.03 -12.66
C ILE A 22 2.19 13.57 -12.42
N ALA A 23 2.61 13.76 -11.18
CA ALA A 23 3.96 13.36 -10.74
C ALA A 23 3.93 11.95 -10.25
N GLY A 24 4.49 10.99 -11.04
CA GLY A 24 4.44 9.58 -10.76
C GLY A 24 3.44 8.75 -11.58
N GLY A 25 3.99 7.97 -12.54
CA GLY A 25 3.22 7.07 -13.39
C GLY A 25 2.94 5.73 -12.82
N GLY A 26 2.43 5.69 -11.58
CA GLY A 26 2.24 4.46 -10.90
C GLY A 26 0.76 4.06 -10.86
N LEU A 27 0.32 3.35 -9.83
CA LEU A 27 -1.07 2.88 -9.84
C LEU A 27 -2.07 4.02 -9.93
N VAL A 28 -2.01 4.94 -8.97
CA VAL A 28 -2.99 6.04 -8.94
C VAL A 28 -2.72 7.00 -10.10
N GLY A 29 -1.47 7.24 -10.36
CA GLY A 29 -1.07 8.16 -11.40
C GLY A 29 -1.63 7.84 -12.77
N LEU A 30 -1.44 6.56 -13.20
CA LEU A 30 -1.95 6.18 -14.50
C LEU A 30 -3.46 5.96 -14.54
N THR A 31 -4.07 5.48 -13.43
CA THR A 31 -5.52 5.38 -13.37
C THR A 31 -6.11 6.83 -13.61
N THR A 32 -5.58 7.78 -12.86
CA THR A 32 -6.06 9.17 -12.93
C THR A 32 -5.80 9.75 -14.31
N ALA A 33 -4.60 9.53 -14.86
CA ALA A 33 -4.30 10.03 -16.21
C ALA A 33 -5.32 9.54 -17.25
N ALA A 34 -5.65 8.27 -17.12
CA ALA A 34 -6.62 7.61 -18.07
C ALA A 34 -7.99 8.28 -17.93
N LYS A 35 -8.44 8.44 -16.68
CA LYS A 35 -9.78 9.06 -16.50
CA LYS A 35 -9.77 9.05 -16.45
C LYS A 35 -9.82 10.53 -16.99
N LEU A 36 -8.79 11.30 -16.68
CA LEU A 36 -8.78 12.69 -17.04
C LEU A 36 -8.78 12.89 -18.52
N THR A 37 -8.14 12.01 -19.26
CA THR A 37 -7.96 12.23 -20.72
C THR A 37 -9.10 11.61 -21.54
N GLU A 38 -10.07 11.05 -20.85
CA GLU A 38 -11.26 10.69 -21.53
C GLU A 38 -11.94 11.90 -22.10
N ASN A 39 -11.76 13.06 -21.51
CA ASN A 39 -12.19 14.29 -22.21
C ASN A 39 -11.06 14.70 -23.15
N PRO A 40 -11.33 14.67 -24.48
CA PRO A 40 -10.24 15.00 -25.42
C PRO A 40 -9.70 16.41 -25.29
N ASN A 41 -10.41 17.30 -24.58
CA ASN A 41 -9.95 18.68 -24.48
C ASN A 41 -9.05 18.88 -23.25
N ILE A 42 -8.92 17.85 -22.42
CA ILE A 42 -8.06 17.92 -21.20
C ILE A 42 -6.66 17.35 -21.54
N SER A 43 -5.62 18.20 -21.36
CA SER A 43 -4.26 17.74 -21.60
C SER A 43 -3.62 17.33 -20.25
N VAL A 44 -2.97 16.18 -20.27
CA VAL A 44 -2.31 15.64 -19.09
C VAL A 44 -0.92 15.24 -19.48
N LEU A 45 0.06 15.57 -18.64
CA LEU A 45 1.41 15.04 -18.74
C LEU A 45 1.70 14.28 -17.44
N VAL A 46 2.05 13.02 -17.63
CA VAL A 46 2.56 12.15 -16.57
C VAL A 46 4.09 12.23 -16.65
N ILE A 47 4.74 12.43 -15.50
CA ILE A 47 6.19 12.41 -15.37
C ILE A 47 6.54 11.26 -14.45
N GLU A 48 7.31 10.28 -15.00
CA GLU A 48 7.66 9.02 -14.29
C GLU A 48 9.15 8.85 -14.26
N SER A 49 9.70 8.55 -13.08
CA SER A 49 11.12 8.28 -12.98
C SER A 49 11.67 7.09 -13.78
N GLY A 50 10.91 6.04 -13.81
CA GLY A 50 11.27 4.84 -14.60
C GLY A 50 10.70 4.91 -16.00
N SER A 51 10.52 3.73 -16.60
CA SER A 51 10.07 3.63 -17.95
C SER A 51 9.04 2.47 -18.13
N TYR A 52 8.72 2.15 -19.38
CA TYR A 52 7.81 1.05 -19.65
C TYR A 52 8.43 -0.28 -19.43
N GLU A 53 7.77 -1.17 -18.67
CA GLU A 53 8.35 -2.46 -18.30
C GLU A 53 7.42 -3.63 -18.50
N SER A 54 6.24 -3.35 -19.05
CA SER A 54 5.15 -4.34 -18.99
C SER A 54 5.37 -5.50 -19.94
N ASP A 55 6.21 -5.33 -20.95
CA ASP A 55 6.51 -6.46 -21.86
CA ASP A 55 6.55 -6.34 -21.93
C ASP A 55 7.92 -6.99 -21.71
N ARG A 56 8.53 -6.74 -20.53
CA ARG A 56 9.87 -7.17 -20.31
C ARG A 56 10.02 -8.64 -20.40
N GLY A 57 9.00 -9.37 -19.94
CA GLY A 57 9.10 -10.77 -19.79
C GLY A 57 8.68 -11.28 -18.43
N PRO A 58 8.83 -12.55 -18.17
CA PRO A 58 8.34 -13.14 -16.95
C PRO A 58 8.72 -12.44 -15.61
N ILE A 59 9.92 -11.85 -15.56
CA ILE A 59 10.37 -11.18 -14.33
C ILE A 59 9.36 -10.08 -13.90
N ILE A 60 8.68 -9.49 -14.89
CA ILE A 60 7.55 -8.64 -14.63
C ILE A 60 6.21 -9.32 -14.77
N GLU A 61 6.01 -10.08 -15.84
CA GLU A 61 4.64 -10.49 -16.21
C GLU A 61 4.12 -11.72 -15.50
N ASP A 62 5.00 -12.48 -14.83
CA ASP A 62 4.59 -13.66 -14.17
C ASP A 62 4.61 -13.43 -12.72
N LEU A 63 3.45 -13.51 -12.06
CA LEU A 63 3.38 -13.25 -10.61
C LEU A 63 4.21 -14.24 -9.80
N ASN A 64 4.38 -15.43 -10.35
CA ASN A 64 5.16 -16.45 -9.68
C ASN A 64 6.69 -16.22 -9.65
N ALA A 65 7.14 -15.20 -10.35
CA ALA A 65 8.48 -14.74 -10.26
C ALA A 65 8.64 -13.65 -9.24
N TYR A 66 7.62 -13.41 -8.46
CA TYR A 66 7.62 -12.35 -7.48
C TYR A 66 8.93 -12.35 -6.69
N GLY A 67 9.52 -11.19 -6.62
CA GLY A 67 10.73 -11.00 -5.83
C GLY A 67 12.01 -10.97 -6.70
N ASP A 68 12.00 -11.62 -7.86
CA ASP A 68 13.20 -11.66 -8.68
C ASP A 68 13.65 -10.28 -9.09
N ILE A 69 12.72 -9.35 -9.27
CA ILE A 69 13.00 -8.01 -9.72
C ILE A 69 13.60 -7.12 -8.64
N PHE A 70 13.47 -7.55 -7.41
CA PHE A 70 13.99 -6.73 -6.27
C PHE A 70 15.49 -6.49 -6.50
N GLY A 71 15.91 -5.31 -6.14
CA GLY A 71 17.28 -4.87 -6.38
C GLY A 71 17.74 -4.42 -7.74
N SER A 72 16.84 -4.49 -8.74
CA SER A 72 17.10 -4.06 -10.09
C SER A 72 16.70 -2.61 -10.25
N SER A 73 16.80 -2.09 -11.48
CA SER A 73 16.38 -0.78 -11.81
C SER A 73 14.90 -0.53 -11.67
N VAL A 74 14.12 -1.59 -11.55
CA VAL A 74 12.65 -1.47 -11.44
C VAL A 74 12.22 -1.44 -9.96
N ASP A 75 13.20 -1.52 -9.03
CA ASP A 75 12.96 -1.43 -7.62
C ASP A 75 13.69 -0.16 -7.09
N HIS A 76 12.90 0.78 -6.56
CA HIS A 76 13.56 1.92 -5.86
C HIS A 76 14.38 1.53 -4.68
N ALA A 77 14.03 0.47 -3.96
CA ALA A 77 14.77 0.03 -2.83
C ALA A 77 15.09 1.18 -1.84
N TYR A 78 14.06 1.86 -1.40
CA TYR A 78 14.23 3.01 -0.50
C TYR A 78 14.75 2.51 0.81
N GLU A 79 15.84 3.09 1.27
N GLU A 79 15.81 3.11 1.29
CA GLU A 79 16.42 2.68 2.54
CA GLU A 79 16.46 2.65 2.53
C GLU A 79 15.82 3.46 3.67
C GLU A 79 15.98 3.45 3.74
N THR A 80 15.50 2.74 4.75
CA THR A 80 15.04 3.38 5.97
C THR A 80 16.28 3.98 6.73
N VAL A 81 15.95 4.74 7.75
CA VAL A 81 16.98 5.13 8.73
C VAL A 81 17.49 3.88 9.43
N GLU A 82 18.49 4.07 10.27
CA GLU A 82 18.90 2.91 11.13
C GLU A 82 17.77 2.70 12.16
N LEU A 83 17.06 1.60 12.11
CA LEU A 83 15.86 1.40 12.89
C LEU A 83 16.20 1.23 14.37
N ALA A 84 15.39 1.80 15.24
CA ALA A 84 15.70 1.67 16.65
C ALA A 84 15.40 0.25 17.18
N THR A 85 14.55 -0.53 16.53
CA THR A 85 14.26 -1.88 17.05
C THR A 85 15.50 -2.83 16.94
N ASN A 86 16.40 -2.64 15.96
CA ASN A 86 17.51 -3.57 15.73
C ASN A 86 18.80 -2.98 15.26
N ASN A 87 18.91 -1.66 15.22
CA ASN A 87 20.01 -0.91 14.73
C ASN A 87 20.45 -1.29 13.35
N GLN A 88 19.51 -1.57 12.46
CA GLN A 88 19.88 -1.92 11.11
C GLN A 88 19.03 -1.06 10.19
N THR A 89 19.44 -0.79 8.97
CA THR A 89 18.48 -0.27 8.02
C THR A 89 17.69 -1.37 7.35
N ALA A 90 16.57 -1.02 6.74
CA ALA A 90 15.75 -1.93 5.96
C ALA A 90 15.54 -1.40 4.61
N LEU A 91 15.21 -2.26 3.65
CA LEU A 91 14.91 -1.85 2.29
C LEU A 91 13.44 -1.92 2.08
N VAL A 92 12.88 -0.86 1.56
CA VAL A 92 11.46 -0.75 1.22
C VAL A 92 11.38 -0.91 -0.29
N ARG A 93 10.93 -2.07 -0.74
CA ARG A 93 10.75 -2.30 -2.14
C ARG A 93 9.62 -1.43 -2.66
N SER A 94 9.83 -0.88 -3.83
CA SER A 94 8.85 0.05 -4.45
C SER A 94 9.08 0.12 -5.94
N GLY A 95 8.03 -0.04 -6.74
CA GLY A 95 8.23 -0.13 -8.18
C GLY A 95 8.66 1.16 -8.83
N ASN A 96 9.64 1.03 -9.67
CA ASN A 96 10.23 2.11 -10.53
C ASN A 96 9.95 1.80 -12.00
N GLY A 97 8.90 2.43 -12.51
CA GLY A 97 8.48 2.28 -13.90
C GLY A 97 7.02 2.58 -14.05
N LEU A 98 6.53 2.60 -15.30
CA LEU A 98 5.13 2.85 -15.50
C LEU A 98 4.36 1.67 -14.87
N GLY A 99 3.40 1.99 -14.01
CA GLY A 99 2.74 1.04 -13.16
C GLY A 99 3.23 1.02 -11.72
N GLY A 100 4.39 1.66 -11.46
CA GLY A 100 4.91 1.75 -10.09
C GLY A 100 4.94 0.36 -9.43
N SER A 101 4.48 0.34 -8.19
CA SER A 101 4.54 -0.90 -7.42
C SER A 101 3.72 -2.05 -7.95
N THR A 102 2.78 -1.76 -8.85
CA THR A 102 1.99 -2.85 -9.47
C THR A 102 2.87 -3.67 -10.37
N LEU A 103 4.01 -3.14 -10.80
CA LEU A 103 4.97 -3.93 -11.54
C LEU A 103 5.60 -5.06 -10.80
N ILE A 104 5.66 -4.93 -9.46
CA ILE A 104 6.51 -5.77 -8.65
C ILE A 104 5.82 -6.43 -7.49
N ASN A 105 4.50 -6.23 -7.35
CA ASN A 105 3.79 -6.65 -6.14
C ASN A 105 3.26 -8.05 -6.29
N GLY A 106 2.59 -8.55 -5.27
CA GLY A 106 2.20 -9.93 -5.25
C GLY A 106 0.93 -10.29 -5.97
N GLY A 107 0.23 -9.27 -6.41
CA GLY A 107 -0.97 -9.39 -7.19
C GLY A 107 -2.26 -9.67 -6.38
N THR A 108 -2.18 -9.68 -5.08
CA THR A 108 -3.24 -10.10 -4.19
C THR A 108 -4.38 -9.03 -4.17
N TRP A 109 -5.62 -9.49 -4.36
CA TRP A 109 -6.75 -8.60 -4.64
C TRP A 109 -7.82 -8.88 -3.60
N THR A 110 -7.90 -8.03 -2.60
CA THR A 110 -8.83 -8.20 -1.46
C THR A 110 -9.22 -6.78 -0.98
N ARG A 111 -10.26 -6.68 -0.17
CA ARG A 111 -10.83 -5.40 0.35
C ARG A 111 -10.79 -5.34 1.87
N PRO A 112 -10.89 -4.14 2.42
CA PRO A 112 -10.95 -4.04 3.84
C PRO A 112 -12.25 -4.50 4.48
N HIS A 113 -12.28 -4.36 5.80
CA HIS A 113 -13.53 -4.53 6.54
C HIS A 113 -14.38 -3.25 6.37
N LYS A 114 -15.67 -3.44 6.16
CA LYS A 114 -16.56 -2.31 5.98
C LYS A 114 -16.35 -1.19 7.05
N ALA A 115 -16.23 -1.57 8.31
CA ALA A 115 -16.16 -0.58 9.34
C ALA A 115 -14.93 0.32 9.23
N GLN A 116 -13.86 -0.23 8.65
CA GLN A 116 -12.63 0.51 8.50
C GLN A 116 -12.82 1.68 7.54
N VAL A 117 -13.39 1.41 6.38
CA VAL A 117 -13.59 2.48 5.42
C VAL A 117 -14.71 3.39 5.90
N ASP A 118 -15.71 2.86 6.63
CA ASP A 118 -16.76 3.73 7.09
C ASP A 118 -16.15 4.79 8.02
N SER A 119 -15.19 4.39 8.83
CA SER A 119 -14.56 5.29 9.83
C SER A 119 -13.82 6.41 9.18
N TRP A 120 -13.37 6.26 7.92
CA TRP A 120 -12.79 7.41 7.25
C TRP A 120 -13.74 8.64 7.18
N GLU A 121 -15.03 8.32 7.12
CA GLU A 121 -16.09 9.36 7.16
C GLU A 121 -16.55 9.65 8.58
N THR A 122 -16.83 8.64 9.35
CA THR A 122 -17.46 8.86 10.62
C THR A 122 -16.51 9.27 11.74
N VAL A 123 -15.18 9.06 11.60
CA VAL A 123 -14.18 9.38 12.62
C VAL A 123 -13.22 10.41 12.06
N PHE A 124 -12.81 10.24 10.82
CA PHE A 124 -11.85 11.14 10.16
C PHE A 124 -12.50 12.21 9.27
N GLY A 125 -13.82 12.24 9.33
CA GLY A 125 -14.60 13.32 8.76
C GLY A 125 -14.38 13.61 7.32
N ASN A 126 -14.10 12.57 6.55
CA ASN A 126 -14.04 12.70 5.12
C ASN A 126 -15.38 12.38 4.54
N GLU A 127 -16.13 13.45 4.26
CA GLU A 127 -17.51 13.34 3.80
C GLU A 127 -17.49 12.53 2.50
N GLY A 128 -18.32 11.51 2.44
CA GLY A 128 -18.44 10.68 1.22
C GLY A 128 -17.45 9.55 1.05
N TRP A 129 -16.55 9.38 2.01
CA TRP A 129 -15.59 8.30 1.94
C TRP A 129 -16.04 7.16 2.86
N ASN A 130 -17.23 6.65 2.67
CA ASN A 130 -17.74 5.53 3.47
C ASN A 130 -17.55 4.26 2.58
N TRP A 131 -17.70 3.07 3.17
CA TRP A 131 -17.59 1.84 2.39
C TRP A 131 -18.46 1.79 1.10
N ASP A 132 -19.76 2.11 1.19
CA ASP A 132 -20.64 1.98 0.02
C ASP A 132 -20.23 2.88 -1.16
N ASN A 133 -19.80 4.09 -0.85
CA ASN A 133 -19.36 4.98 -1.90
C ASN A 133 -18.04 4.50 -2.52
N VAL A 134 -17.05 4.20 -1.70
CA VAL A 134 -15.76 3.79 -2.22
C VAL A 134 -15.87 2.45 -2.95
N ALA A 135 -16.71 1.57 -2.40
CA ALA A 135 -16.93 0.27 -2.96
C ALA A 135 -17.53 0.35 -4.32
N ALA A 136 -18.39 1.34 -4.57
CA ALA A 136 -18.95 1.51 -5.90
C ALA A 136 -17.86 1.86 -6.95
N TYR A 137 -16.88 2.69 -6.52
CA TYR A 137 -15.71 2.96 -7.38
C TYR A 137 -14.87 1.72 -7.55
N SER A 138 -14.69 0.96 -6.47
CA SER A 138 -13.90 -0.28 -6.55
C SER A 138 -14.48 -1.31 -7.56
N LEU A 139 -15.80 -1.47 -7.53
CA LEU A 139 -16.52 -2.30 -8.46
C LEU A 139 -16.36 -1.85 -9.91
N GLN A 140 -16.44 -0.55 -10.09
CA GLN A 140 -16.24 0.05 -11.41
C GLN A 140 -14.81 -0.22 -11.98
N ALA A 141 -13.78 -0.11 -11.14
CA ALA A 141 -12.42 -0.39 -11.56
C ALA A 141 -12.24 -1.89 -11.95
N GLU A 142 -13.05 -2.77 -11.33
CA GLU A 142 -12.77 -4.18 -11.34
C GLU A 142 -13.31 -4.90 -12.55
N ARG A 143 -12.52 -5.86 -13.10
CA ARG A 143 -12.95 -6.75 -14.19
C ARG A 143 -12.51 -8.15 -13.77
N ALA A 144 -13.34 -8.75 -12.90
CA ALA A 144 -13.05 -10.00 -12.29
C ALA A 144 -13.62 -11.19 -13.06
N ARG A 145 -12.96 -12.33 -12.88
CA ARG A 145 -13.34 -13.64 -13.45
C ARG A 145 -13.58 -14.59 -12.35
N ALA A 146 -14.71 -15.29 -12.44
CA ALA A 146 -15.04 -16.32 -11.50
C ALA A 146 -14.19 -17.57 -11.65
N PRO A 147 -13.97 -18.29 -10.57
CA PRO A 147 -13.18 -19.51 -10.63
C PRO A 147 -13.89 -20.65 -11.34
N ASN A 148 -13.12 -21.55 -11.94
CA ASN A 148 -13.65 -22.74 -12.56
C ASN A 148 -13.75 -23.83 -11.51
N ALA A 149 -14.21 -25.00 -11.95
CA ALA A 149 -14.47 -26.06 -11.02
C ALA A 149 -13.23 -26.53 -10.26
N LYS A 150 -12.09 -26.61 -10.99
CA LYS A 150 -10.85 -27.10 -10.39
C LYS A 150 -10.35 -26.06 -9.34
N GLN A 151 -10.50 -24.80 -9.67
CA GLN A 151 -10.12 -23.72 -8.76
C GLN A 151 -11.01 -23.69 -7.48
N ILE A 152 -12.31 -23.92 -7.67
CA ILE A 152 -13.22 -24.04 -6.55
C ILE A 152 -12.79 -25.23 -5.68
N ALA A 153 -12.56 -26.39 -6.31
CA ALA A 153 -12.19 -27.58 -5.53
C ALA A 153 -10.95 -27.36 -4.67
N ALA A 154 -10.02 -26.52 -5.16
CA ALA A 154 -8.83 -26.17 -4.40
C ALA A 154 -9.11 -25.35 -3.16
N GLY A 155 -10.23 -24.61 -3.18
CA GLY A 155 -10.58 -23.75 -2.08
C GLY A 155 -11.14 -22.39 -2.41
N HIS A 156 -11.18 -22.03 -3.72
CA HIS A 156 -11.82 -20.76 -4.09
C HIS A 156 -13.29 -20.66 -3.71
N TYR A 157 -13.69 -19.42 -3.45
CA TYR A 157 -15.13 -19.05 -3.33
C TYR A 157 -15.23 -17.61 -3.75
N PHE A 158 -16.13 -17.38 -4.70
CA PHE A 158 -16.33 -16.11 -5.38
C PHE A 158 -17.80 -15.70 -5.25
N ASN A 159 -18.07 -14.62 -4.59
CA ASN A 159 -19.39 -14.08 -4.48
C ASN A 159 -19.64 -13.12 -5.66
N THR A 160 -20.52 -13.51 -6.55
CA THR A 160 -20.79 -12.70 -7.73
C THR A 160 -21.29 -11.30 -7.42
N SER A 161 -21.89 -11.11 -6.27
CA SER A 161 -22.30 -9.82 -5.85
C SER A 161 -21.23 -8.96 -5.24
N CYS A 162 -19.98 -9.41 -5.14
CA CYS A 162 -18.97 -8.59 -4.62
C CYS A 162 -17.88 -8.22 -5.60
N HIS A 163 -18.07 -8.50 -6.89
CA HIS A 163 -17.00 -8.22 -7.86
C HIS A 163 -17.55 -7.60 -9.12
N GLY A 164 -16.94 -6.52 -9.58
CA GLY A 164 -17.30 -5.99 -10.90
C GLY A 164 -16.75 -6.92 -11.97
N VAL A 165 -17.47 -7.01 -13.06
CA VAL A 165 -17.04 -7.81 -14.18
C VAL A 165 -16.82 -7.04 -15.49
N ASN A 166 -17.10 -5.76 -15.50
CA ASN A 166 -17.05 -4.92 -16.67
C ASN A 166 -16.09 -3.73 -16.60
N GLY A 167 -15.14 -3.76 -15.66
CA GLY A 167 -14.26 -2.67 -15.45
C GLY A 167 -12.98 -2.81 -16.22
N THR A 168 -11.89 -2.35 -15.57
CA THR A 168 -10.63 -2.09 -16.23
C THR A 168 -9.52 -3.02 -15.79
N VAL A 169 -9.44 -3.29 -14.49
CA VAL A 169 -8.36 -4.10 -13.91
C VAL A 169 -8.75 -5.56 -13.97
N HIS A 170 -8.03 -6.32 -14.80
CA HIS A 170 -8.34 -7.72 -14.94
C HIS A 170 -7.89 -8.50 -13.71
N ALA A 171 -8.78 -9.29 -13.14
CA ALA A 171 -8.50 -10.05 -11.87
C ALA A 171 -9.19 -11.42 -12.00
N GLY A 172 -8.58 -12.45 -11.42
CA GLY A 172 -9.14 -13.79 -11.45
C GLY A 172 -8.15 -14.69 -10.75
N PRO A 173 -8.42 -15.99 -10.71
CA PRO A 173 -7.55 -16.89 -9.92
C PRO A 173 -6.18 -17.06 -10.57
N ARG A 174 -5.16 -17.01 -9.75
CA ARG A 174 -3.83 -17.40 -10.15
C ARG A 174 -3.92 -18.87 -10.49
N ASP A 175 -3.33 -19.23 -11.61
CA ASP A 175 -3.42 -20.65 -12.09
C ASP A 175 -2.16 -20.94 -12.98
N THR A 176 -1.14 -21.49 -12.35
CA THR A 176 0.12 -21.76 -13.01
C THR A 176 0.01 -22.95 -13.94
N GLY A 177 -1.11 -23.67 -13.94
CA GLY A 177 -1.27 -24.85 -14.74
C GLY A 177 -0.88 -26.10 -14.05
N ASP A 178 -0.37 -25.98 -12.82
CA ASP A 178 -0.16 -27.18 -12.00
C ASP A 178 -1.46 -27.63 -11.38
N ASP A 179 -1.54 -28.84 -10.86
CA ASP A 179 -2.60 -29.15 -9.93
C ASP A 179 -2.45 -28.31 -8.69
N TYR A 180 -3.57 -28.07 -8.02
CA TYR A 180 -3.55 -27.22 -6.79
C TYR A 180 -3.13 -28.09 -5.60
N SER A 181 -2.29 -27.54 -4.70
CA SER A 181 -1.87 -28.25 -3.54
C SER A 181 -3.06 -28.42 -2.53
N PRO A 182 -3.15 -29.60 -1.89
CA PRO A 182 -4.15 -29.84 -0.79
C PRO A 182 -3.85 -29.04 0.48
N ILE A 183 -2.69 -28.42 0.55
CA ILE A 183 -2.30 -27.69 1.76
C ILE A 183 -3.23 -26.51 2.04
N VAL A 184 -3.75 -25.87 1.00
CA VAL A 184 -4.67 -24.76 1.22
C VAL A 184 -5.93 -25.25 1.98
N LYS A 185 -6.56 -26.31 1.48
CA LYS A 185 -7.66 -26.89 2.19
C LYS A 185 -7.28 -27.46 3.57
N ALA A 186 -6.04 -28.02 3.70
CA ALA A 186 -5.61 -28.42 5.04
C ALA A 186 -5.53 -27.25 6.04
N LEU A 187 -5.07 -26.10 5.59
CA LEU A 187 -4.99 -24.89 6.46
C LEU A 187 -6.45 -24.49 6.85
N MET A 188 -7.35 -24.51 5.88
CA MET A 188 -8.72 -24.21 6.18
C MET A 188 -9.32 -25.17 7.25
N SER A 189 -9.00 -26.44 7.09
CA SER A 189 -9.48 -27.51 8.02
C SER A 189 -8.88 -27.26 9.42
N ALA A 190 -7.61 -26.87 9.44
CA ALA A 190 -6.91 -26.68 10.70
C ALA A 190 -7.47 -25.48 11.48
N VAL A 191 -7.84 -24.39 10.77
CA VAL A 191 -8.43 -23.26 11.46
C VAL A 191 -9.95 -23.52 11.82
N GLU A 192 -10.62 -24.31 11.00
CA GLU A 192 -12.00 -24.69 11.28
C GLU A 192 -12.08 -25.45 12.58
N ASP A 193 -11.03 -26.24 12.92
CA ASP A 193 -10.95 -26.93 14.21
C ASP A 193 -10.92 -26.00 15.43
N ARG A 194 -10.59 -24.72 15.16
CA ARG A 194 -10.45 -23.68 16.19
C ARG A 194 -11.61 -22.77 16.14
N GLY A 195 -12.60 -23.09 15.34
CA GLY A 195 -13.75 -22.20 15.26
C GLY A 195 -13.60 -21.01 14.35
N VAL A 196 -12.61 -21.06 13.47
CA VAL A 196 -12.33 -19.89 12.60
C VAL A 196 -13.06 -20.16 11.29
N PRO A 197 -13.67 -19.12 10.71
CA PRO A 197 -14.28 -19.32 9.41
C PRO A 197 -13.33 -19.58 8.25
N THR A 198 -13.87 -20.19 7.19
CA THR A 198 -13.09 -20.40 5.99
C THR A 198 -13.93 -19.99 4.75
N LYS A 199 -13.19 -19.61 3.68
CA LYS A 199 -13.71 -19.31 2.33
CA LYS A 199 -13.74 -19.34 2.32
C LYS A 199 -14.56 -18.07 2.19
N LYS A 200 -14.65 -17.25 3.24
CA LYS A 200 -15.36 -15.98 3.09
C LYS A 200 -14.67 -15.17 1.96
N ASP A 201 -15.48 -14.53 1.11
CA ASP A 201 -14.94 -13.79 0.00
C ASP A 201 -14.34 -12.48 0.57
N PHE A 202 -13.03 -12.36 0.48
CA PHE A 202 -12.29 -11.21 1.05
C PHE A 202 -12.54 -9.93 0.32
N GLY A 203 -13.39 -10.00 -0.68
CA GLY A 203 -13.81 -8.77 -1.36
C GLY A 203 -15.19 -8.21 -0.95
N CYS A 204 -15.87 -8.83 0.04
CA CYS A 204 -17.28 -8.53 0.30
C CYS A 204 -17.45 -7.55 1.49
N GLY A 205 -16.39 -7.32 2.26
CA GLY A 205 -16.49 -6.41 3.42
C GLY A 205 -16.22 -7.00 4.83
N ASP A 206 -15.97 -8.32 4.89
CA ASP A 206 -15.59 -9.00 6.13
C ASP A 206 -14.45 -9.98 5.99
N PRO A 207 -13.22 -9.47 5.86
CA PRO A 207 -12.07 -10.31 5.62
C PRO A 207 -11.61 -10.95 6.92
N HIS A 208 -12.05 -12.18 7.12
CA HIS A 208 -11.79 -12.96 8.30
C HIS A 208 -11.76 -14.43 7.93
N GLY A 209 -10.75 -15.09 8.49
CA GLY A 209 -10.59 -16.55 8.27
C GLY A 209 -9.63 -16.90 7.21
N VAL A 210 -9.66 -18.18 6.76
CA VAL A 210 -8.73 -18.58 5.70
C VAL A 210 -9.49 -18.75 4.37
N SER A 211 -9.04 -17.97 3.37
CA SER A 211 -9.60 -18.01 2.03
C SER A 211 -8.50 -17.89 1.00
N MET A 212 -8.78 -18.38 -0.20
CA MET A 212 -8.08 -17.99 -1.44
C MET A 212 -8.57 -16.65 -1.86
N PHE A 213 -8.07 -16.19 -2.99
CA PHE A 213 -8.45 -14.89 -3.46
C PHE A 213 -8.10 -14.70 -4.95
N PRO A 214 -8.72 -13.75 -5.57
CA PRO A 214 -8.27 -13.34 -6.91
C PRO A 214 -6.91 -12.68 -6.91
N ASN A 215 -6.25 -12.64 -8.10
CA ASN A 215 -5.06 -11.90 -8.32
C ASN A 215 -5.23 -10.98 -9.52
N THR A 216 -4.43 -9.89 -9.56
CA THR A 216 -4.43 -8.91 -10.66
C THR A 216 -3.63 -9.51 -11.80
N LEU A 217 -4.28 -10.36 -12.59
CA LEU A 217 -3.71 -10.93 -13.79
C LEU A 217 -4.85 -11.18 -14.82
N HIS A 218 -4.48 -11.19 -16.08
CA HIS A 218 -5.32 -11.51 -17.18
C HIS A 218 -5.57 -12.99 -17.17
N GLU A 219 -6.57 -13.44 -17.90
CA GLU A 219 -6.90 -14.88 -17.95
C GLU A 219 -5.67 -15.70 -18.35
N ASP A 220 -4.82 -15.16 -19.22
CA ASP A 220 -3.67 -15.89 -19.64
C ASP A 220 -2.50 -15.79 -18.59
N GLN A 221 -2.74 -15.16 -17.43
CA GLN A 221 -1.87 -15.12 -16.29
C GLN A 221 -0.88 -13.94 -16.37
N VAL A 222 -0.97 -13.12 -17.42
CA VAL A 222 -0.11 -11.93 -17.48
C VAL A 222 -0.50 -10.90 -16.39
N ARG A 223 0.46 -10.51 -15.58
CA ARG A 223 0.27 -9.45 -14.60
C ARG A 223 -0.56 -8.26 -15.12
N SER A 224 -1.56 -7.87 -14.32
CA SER A 224 -2.39 -6.72 -14.65
C SER A 224 -1.77 -5.50 -14.06
N ASP A 225 -0.58 -5.09 -14.53
CA ASP A 225 0.01 -3.87 -13.91
C ASP A 225 -0.75 -2.65 -14.37
N ALA A 226 -0.63 -1.58 -13.60
CA ALA A 226 -1.44 -0.40 -13.90
C ALA A 226 -1.13 0.19 -15.27
N ALA A 227 0.11 0.08 -15.77
CA ALA A 227 0.41 0.63 -17.09
C ALA A 227 -0.31 -0.29 -18.17
N ARG A 228 -0.24 -1.62 -18.01
CA ARG A 228 -0.91 -2.50 -18.96
C ARG A 228 -2.45 -2.23 -18.96
N GLU A 229 -3.01 -2.04 -17.77
CA GLU A 229 -4.49 -1.83 -17.66
C GLU A 229 -5.02 -0.44 -18.05
N TRP A 230 -4.30 0.63 -17.72
CA TRP A 230 -4.81 1.98 -17.83
C TRP A 230 -4.06 2.84 -18.87
N LEU A 231 -2.83 2.47 -19.20
CA LEU A 231 -2.03 3.28 -20.18
C LEU A 231 -1.95 2.60 -21.55
N LEU A 232 -1.62 1.31 -21.59
CA LEU A 232 -1.47 0.65 -22.85
C LEU A 232 -2.74 0.77 -23.73
N PRO A 233 -3.94 0.71 -23.16
CA PRO A 233 -5.12 0.89 -24.06
C PRO A 233 -5.35 2.31 -24.57
N ASN A 234 -4.75 3.31 -23.93
CA ASN A 234 -5.11 4.65 -24.12
C ASN A 234 -4.00 5.54 -24.60
N TYR A 235 -2.81 5.00 -24.82
CA TYR A 235 -1.63 5.89 -25.05
C TYR A 235 -1.68 6.65 -26.37
N GLN A 236 -2.51 6.19 -27.31
CA GLN A 236 -2.69 6.94 -28.58
C GLN A 236 -3.51 8.23 -28.44
N ARG A 237 -4.15 8.44 -27.31
CA ARG A 237 -4.78 9.71 -27.03
C ARG A 237 -3.68 10.84 -27.14
N PRO A 238 -3.91 11.81 -27.98
CA PRO A 238 -2.90 12.87 -28.18
C PRO A 238 -2.86 13.81 -27.00
N ASN A 239 -3.89 13.78 -26.15
CA ASN A 239 -3.96 14.66 -25.01
C ASN A 239 -3.33 13.98 -23.77
N LEU A 240 -2.78 12.75 -23.94
CA LEU A 240 -2.18 11.98 -22.85
C LEU A 240 -0.71 11.86 -23.24
N GLN A 241 0.17 12.58 -22.50
CA GLN A 241 1.61 12.52 -22.73
C GLN A 241 2.30 11.97 -21.47
N VAL A 242 3.33 11.14 -21.71
CA VAL A 242 4.09 10.51 -20.67
C VAL A 242 5.56 10.76 -20.90
N LEU A 243 6.23 11.41 -19.93
CA LEU A 243 7.67 11.58 -19.97
C LEU A 243 8.31 10.59 -18.96
N THR A 244 9.24 9.77 -19.42
CA THR A 244 9.89 8.76 -18.63
C THR A 244 11.31 9.19 -18.30
N GLY A 245 11.86 8.53 -17.29
CA GLY A 245 13.27 8.71 -16.94
C GLY A 245 13.56 10.05 -16.21
N GLN A 246 12.57 10.72 -15.63
CA GLN A 246 12.81 12.00 -14.96
C GLN A 246 12.05 11.99 -13.65
N TYR A 247 12.68 12.58 -12.62
CA TYR A 247 12.06 12.81 -11.37
C TYR A 247 11.49 14.19 -11.26
N VAL A 248 10.23 14.23 -10.80
CA VAL A 248 9.70 15.47 -10.23
C VAL A 248 10.41 15.82 -8.90
N GLY A 249 10.97 17.03 -8.83
CA GLY A 249 11.68 17.49 -7.65
C GLY A 249 10.89 18.34 -6.72
N LYS A 250 10.07 19.23 -7.28
CA LYS A 250 9.26 20.13 -6.51
C LYS A 250 8.16 20.75 -7.35
N VAL A 251 7.18 21.25 -6.63
CA VAL A 251 6.02 21.94 -7.19
C VAL A 251 6.43 23.46 -7.25
N LEU A 252 6.09 24.14 -8.36
CA LEU A 252 6.32 25.53 -8.58
C LEU A 252 5.09 26.28 -8.02
N LEU A 253 5.32 27.22 -7.08
CA LEU A 253 4.27 27.94 -6.41
C LEU A 253 4.30 29.38 -6.82
N SER A 254 3.12 29.95 -7.12
CA SER A 254 3.05 31.39 -7.27
C SER A 254 2.02 31.94 -6.28
N GLN A 255 2.07 33.22 -5.99
CA GLN A 255 1.05 33.83 -5.12
C GLN A 255 -0.23 34.21 -5.86
N ASN A 256 -1.37 33.71 -5.41
CA ASN A 256 -2.67 34.20 -5.86
C ASN A 256 -3.30 34.95 -4.67
N GLY A 257 -2.87 36.19 -4.54
CA GLY A 257 -3.14 37.03 -3.41
C GLY A 257 -2.61 36.49 -2.12
N THR A 258 -3.53 35.92 -1.37
CA THR A 258 -3.24 35.49 -0.03
C THR A 258 -2.72 34.00 -0.03
N THR A 259 -3.07 33.24 -1.09
CA THR A 259 -2.86 31.79 -1.13
C THR A 259 -1.87 31.39 -2.24
N PRO A 260 -0.90 30.50 -1.93
CA PRO A 260 -0.02 30.05 -3.04
C PRO A 260 -0.85 29.13 -3.99
N ARG A 261 -0.51 29.18 -5.26
CA ARG A 261 -1.09 28.36 -6.26
C ARG A 261 -0.03 27.56 -6.95
N ALA A 262 -0.29 26.28 -7.11
CA ALA A 262 0.65 25.34 -7.79
C ALA A 262 0.50 25.69 -9.27
N VAL A 263 1.59 26.09 -9.93
CA VAL A 263 1.55 26.41 -11.37
C VAL A 263 2.30 25.49 -12.29
N GLY A 264 2.93 24.48 -11.73
CA GLY A 264 3.80 23.59 -12.50
C GLY A 264 4.71 22.83 -11.60
N VAL A 265 5.71 22.15 -12.20
CA VAL A 265 6.73 21.41 -11.40
C VAL A 265 8.07 21.57 -12.08
N GLU A 266 9.10 21.41 -11.27
CA GLU A 266 10.47 21.24 -11.76
C GLU A 266 10.77 19.75 -11.74
N PHE A 267 11.42 19.34 -12.80
CA PHE A 267 11.87 17.96 -12.99
C PHE A 267 13.25 17.83 -13.52
N GLY A 268 13.80 16.63 -13.34
CA GLY A 268 15.17 16.34 -13.76
C GLY A 268 15.81 15.16 -13.13
N THR A 269 17.14 14.98 -13.34
CA THR A 269 17.81 13.89 -12.71
C THR A 269 18.99 14.28 -11.86
N HIS A 270 19.44 15.52 -11.96
CA HIS A 270 20.51 15.98 -11.08
C HIS A 270 20.37 17.47 -10.96
N LYS A 271 20.84 18.01 -9.86
CA LYS A 271 20.88 19.44 -9.76
C LYS A 271 21.66 20.01 -10.92
N GLY A 272 21.14 21.06 -11.52
CA GLY A 272 21.76 21.65 -12.69
C GLY A 272 21.34 21.11 -14.01
N ASN A 273 20.48 20.13 -14.06
CA ASN A 273 19.93 19.78 -15.30
C ASN A 273 18.45 19.64 -15.07
N THR A 274 17.83 20.69 -14.56
CA THR A 274 16.40 20.66 -14.29
C THR A 274 15.66 21.45 -15.38
N HIS A 275 14.36 21.26 -15.40
CA HIS A 275 13.46 22.01 -16.34
C HIS A 275 12.12 22.25 -15.65
N ASN A 276 11.39 23.24 -16.13
CA ASN A 276 10.03 23.48 -15.68
C ASN A 276 8.99 23.08 -16.73
N VAL A 277 7.82 22.67 -16.24
CA VAL A 277 6.65 22.46 -17.07
C VAL A 277 5.48 22.92 -16.23
N TYR A 278 4.50 23.56 -16.89
CA TYR A 278 3.41 24.25 -16.24
C TYR A 278 2.06 23.56 -16.42
N ALA A 279 1.22 23.75 -15.40
CA ALA A 279 -0.18 23.27 -15.36
C ALA A 279 -1.20 24.44 -15.24
N LYS A 280 -2.07 24.51 -16.23
CA LYS A 280 -3.16 25.49 -16.24
C LYS A 280 -4.20 25.23 -15.13
N HIS A 281 -4.45 23.93 -14.86
CA HIS A 281 -5.44 23.55 -13.83
C HIS A 281 -4.76 23.12 -12.51
N GLU A 282 -4.14 21.94 -12.51
CA GLU A 282 -3.63 21.40 -11.25
C GLU A 282 -2.38 20.53 -11.41
N VAL A 283 -1.61 20.47 -10.33
CA VAL A 283 -0.51 19.52 -10.16
C VAL A 283 -1.04 18.45 -9.21
N LEU A 284 -0.88 17.17 -9.62
CA LEU A 284 -1.39 16.04 -8.85
C LEU A 284 -0.16 15.14 -8.52
N LEU A 285 0.15 15.02 -7.23
CA LEU A 285 1.27 14.19 -6.77
C LEU A 285 0.87 12.74 -6.50
N ALA A 286 1.53 11.85 -7.24
CA ALA A 286 1.26 10.44 -7.26
C ALA A 286 2.55 9.62 -7.31
N ALA A 287 3.55 10.08 -6.57
CA ALA A 287 4.87 9.49 -6.57
C ALA A 287 5.05 8.42 -5.57
N GLY A 288 4.03 8.10 -4.79
CA GLY A 288 4.12 7.08 -3.78
C GLY A 288 4.22 7.65 -2.43
N SER A 289 3.80 6.85 -1.45
CA SER A 289 3.81 7.34 -0.04
C SER A 289 5.16 7.67 0.55
N ALA A 290 6.23 7.15 0.00
CA ALA A 290 7.57 7.54 0.44
C ALA A 290 8.06 8.81 -0.22
N VAL A 291 7.40 9.30 -1.27
CA VAL A 291 7.97 10.30 -2.10
C VAL A 291 7.10 11.53 -2.19
N SER A 292 5.81 11.40 -2.43
CA SER A 292 4.93 12.60 -2.48
C SER A 292 5.12 13.58 -1.27
N PRO A 293 5.18 13.07 -0.02
CA PRO A 293 5.46 13.99 1.04
C PRO A 293 6.79 14.73 0.85
N THR A 294 7.83 14.06 0.31
CA THR A 294 9.12 14.73 0.19
C THR A 294 9.03 15.81 -0.88
N ILE A 295 8.29 15.55 -1.93
CA ILE A 295 8.11 16.54 -2.94
C ILE A 295 7.48 17.84 -2.36
N LEU A 296 6.44 17.68 -1.51
CA LEU A 296 5.91 18.86 -0.80
C LEU A 296 6.96 19.59 0.01
N GLU A 297 7.79 18.85 0.74
CA GLU A 297 8.71 19.46 1.61
C GLU A 297 9.72 20.27 0.77
N TYR A 298 10.22 19.64 -0.28
CA TYR A 298 11.18 20.34 -1.19
C TYR A 298 10.60 21.60 -1.74
N SER A 299 9.29 21.66 -1.76
CA SER A 299 8.57 22.82 -2.32
C SER A 299 8.27 23.87 -1.29
N GLY A 300 8.57 23.61 -0.01
CA GLY A 300 8.21 24.59 1.04
C GLY A 300 6.87 24.31 1.73
N ILE A 301 6.33 23.09 1.53
CA ILE A 301 5.10 22.67 2.16
C ILE A 301 5.40 21.55 3.10
N GLY A 302 5.36 21.85 4.39
CA GLY A 302 5.77 20.95 5.44
C GLY A 302 6.01 21.62 6.73
N MET A 303 6.56 20.89 7.71
CA MET A 303 6.66 21.39 9.09
C MET A 303 7.79 22.39 9.18
N LYS A 304 7.51 23.60 9.57
CA LYS A 304 8.56 24.57 9.79
C LYS A 304 9.75 24.08 10.59
N SER A 305 9.54 23.28 11.64
CA SER A 305 10.63 22.72 12.41
C SER A 305 11.48 21.71 11.69
N ILE A 306 11.01 21.21 10.55
CA ILE A 306 11.82 20.31 9.73
C ILE A 306 12.49 21.15 8.60
N LEU A 307 11.68 21.97 7.94
CA LEU A 307 12.15 22.72 6.78
C LEU A 307 13.11 23.86 7.13
N GLU A 308 12.81 24.65 8.15
CA GLU A 308 13.70 25.83 8.45
C GLU A 308 15.17 25.44 8.71
N PRO A 309 15.43 24.41 9.52
CA PRO A 309 16.82 23.99 9.78
C PRO A 309 17.48 23.44 8.55
N LEU A 310 16.72 23.01 7.54
CA LEU A 310 17.34 22.61 6.27
C LEU A 310 17.61 23.72 5.33
N GLY A 311 17.04 24.88 5.59
CA GLY A 311 17.21 26.02 4.68
C GLY A 311 16.14 26.16 3.65
N ILE A 312 14.99 25.57 3.94
CA ILE A 312 13.83 25.73 3.06
C ILE A 312 12.85 26.71 3.64
N ASP A 313 12.32 27.59 2.81
CA ASP A 313 11.34 28.57 3.22
C ASP A 313 9.99 27.85 3.38
N THR A 314 9.41 27.86 4.57
CA THR A 314 8.09 27.22 4.75
C THR A 314 6.99 28.15 4.30
N VAL A 315 6.42 27.81 3.16
CA VAL A 315 5.33 28.59 2.58
C VAL A 315 4.00 28.23 3.18
N VAL A 316 3.77 26.95 3.31
CA VAL A 316 2.63 26.38 4.06
C VAL A 316 3.10 25.38 5.09
N ASP A 317 2.73 25.63 6.34
CA ASP A 317 3.18 24.84 7.47
C ASP A 317 2.17 23.73 7.76
N LEU A 318 2.51 22.51 7.43
CA LEU A 318 1.61 21.37 7.65
C LEU A 318 2.49 20.16 8.12
N PRO A 319 1.88 19.18 8.80
CA PRO A 319 2.62 18.04 9.32
C PRO A 319 2.84 16.93 8.21
N VAL A 320 3.44 17.39 7.13
CA VAL A 320 3.75 16.57 6.03
C VAL A 320 4.77 15.51 6.47
N GLY A 321 4.57 14.24 6.09
CA GLY A 321 5.53 13.16 6.39
C GLY A 321 5.25 12.44 7.66
N LEU A 322 4.34 12.98 8.51
CA LEU A 322 4.01 12.26 9.76
C LEU A 322 2.93 11.22 9.52
N ASN A 323 2.66 10.41 10.56
CA ASN A 323 1.57 9.41 10.51
C ASN A 323 1.88 8.29 9.56
N LEU A 324 3.18 8.08 9.23
CA LEU A 324 3.55 6.90 8.45
C LEU A 324 3.19 5.60 9.12
N GLN A 325 2.50 4.72 8.40
CA GLN A 325 1.95 3.44 8.95
C GLN A 325 2.27 2.32 7.95
N ASP A 326 3.35 1.59 8.26
CA ASP A 326 3.72 0.34 7.56
C ASP A 326 3.70 -0.80 8.56
N GLN A 327 3.51 -2.01 8.03
CA GLN A 327 3.46 -3.22 8.85
C GLN A 327 4.80 -3.95 8.82
N THR A 328 5.04 -4.80 9.82
CA THR A 328 6.24 -5.66 9.88
C THR A 328 5.88 -7.08 9.43
N THR A 329 6.77 -7.72 8.63
CA THR A 329 6.51 -9.07 8.19
C THR A 329 7.59 -10.04 8.66
N ALA A 330 7.18 -11.25 9.10
CA ALA A 330 8.17 -12.31 9.40
C ALA A 330 7.69 -13.58 8.74
N THR A 331 8.57 -14.54 8.65
CA THR A 331 8.32 -15.81 7.96
C THR A 331 8.40 -17.01 8.89
N VAL A 332 7.52 -17.96 8.60
CA VAL A 332 7.59 -19.30 9.16
C VAL A 332 7.44 -20.22 7.95
N ARG A 333 8.38 -21.11 7.75
CA ARG A 333 8.37 -22.02 6.65
C ARG A 333 8.67 -23.41 7.10
N SER A 334 7.99 -24.32 6.42
CA SER A 334 8.21 -25.75 6.63
C SER A 334 8.36 -26.53 5.31
N ARG A 335 9.13 -27.59 5.33
CA ARG A 335 9.19 -28.59 4.28
C ARG A 335 7.89 -29.37 4.30
N ILE A 336 7.50 -29.86 3.12
CA ILE A 336 6.31 -30.62 2.98
C ILE A 336 6.58 -31.99 2.40
N THR A 337 5.65 -32.89 2.62
CA THR A 337 5.70 -34.24 2.01
C THR A 337 5.37 -34.14 0.55
N SER A 338 5.67 -35.16 -0.27
CA SER A 338 5.40 -35.06 -1.70
C SER A 338 3.91 -35.06 -1.96
N ALA A 339 3.11 -35.56 -1.03
CA ALA A 339 1.62 -35.47 -1.21
C ALA A 339 1.07 -33.99 -1.10
N GLY A 340 1.86 -33.08 -0.56
CA GLY A 340 1.50 -31.64 -0.51
C GLY A 340 1.78 -30.84 -1.79
N ALA A 341 2.32 -31.51 -2.81
CA ALA A 341 2.75 -30.90 -4.07
C ALA A 341 1.63 -30.13 -4.70
N GLY A 342 1.98 -29.05 -5.37
CA GLY A 342 1.01 -28.32 -6.18
C GLY A 342 1.04 -26.80 -5.89
N GLN A 343 0.32 -26.03 -6.71
CA GLN A 343 0.22 -24.56 -6.61
C GLN A 343 -0.90 -24.12 -5.60
N GLY A 344 -0.77 -22.92 -5.13
CA GLY A 344 -1.82 -22.24 -4.39
C GLY A 344 -1.31 -21.30 -3.32
N GLN A 345 -2.07 -20.23 -3.18
CA GLN A 345 -1.88 -19.31 -2.10
C GLN A 345 -3.21 -19.15 -1.34
N ALA A 346 -3.10 -18.79 -0.06
CA ALA A 346 -4.28 -18.42 0.70
C ALA A 346 -3.78 -17.56 1.86
N ALA A 347 -4.72 -17.01 2.61
CA ALA A 347 -4.39 -16.23 3.79
C ALA A 347 -5.43 -16.34 4.90
N TRP A 348 -4.90 -16.37 6.12
CA TRP A 348 -5.66 -16.24 7.34
C TRP A 348 -5.66 -14.76 7.76
N PHE A 349 -6.83 -14.14 7.66
CA PHE A 349 -7.12 -12.82 8.27
C PHE A 349 -7.63 -13.14 9.69
N ALA A 350 -6.70 -13.01 10.65
CA ALA A 350 -6.89 -13.48 11.99
C ALA A 350 -7.30 -12.30 12.89
N THR A 351 -8.34 -12.49 13.66
CA THR A 351 -8.80 -11.48 14.61
C THR A 351 -7.80 -11.29 15.73
N PHE A 352 -8.01 -10.26 16.58
CA PHE A 352 -7.17 -9.96 17.73
C PHE A 352 -7.08 -11.15 18.67
N ASN A 353 -8.25 -11.77 18.97
CA ASN A 353 -8.26 -12.91 19.79
C ASN A 353 -7.71 -14.16 19.14
N GLU A 354 -7.91 -14.35 17.85
CA GLU A 354 -7.23 -15.44 17.15
C GLU A 354 -5.71 -15.29 17.20
N THR A 355 -5.24 -14.07 17.03
CA THR A 355 -3.82 -13.80 17.10
C THR A 355 -3.19 -14.08 18.45
N PHE A 356 -3.76 -13.54 19.51
CA PHE A 356 -3.18 -13.64 20.87
C PHE A 356 -3.49 -14.92 21.60
N GLY A 357 -4.55 -15.63 21.23
CA GLY A 357 -4.83 -16.91 21.89
C GLY A 357 -5.05 -16.68 23.39
N ASP A 358 -4.35 -17.45 24.21
CA ASP A 358 -4.41 -17.28 25.67
C ASP A 358 -3.86 -15.96 26.21
N TYR A 359 -3.13 -15.19 25.41
CA TYR A 359 -2.63 -13.89 25.82
C TYR A 359 -3.72 -12.82 25.58
N SER A 360 -4.91 -13.22 25.09
CA SER A 360 -5.91 -12.24 24.72
C SER A 360 -6.30 -11.30 25.80
N GLU A 361 -6.50 -11.86 26.99
CA GLU A 361 -6.94 -11.03 28.09
C GLU A 361 -5.89 -9.98 28.43
N LYS A 362 -4.64 -10.37 28.52
CA LYS A 362 -3.59 -9.42 28.81
C LYS A 362 -3.42 -8.36 27.72
N ALA A 363 -3.50 -8.78 26.46
CA ALA A 363 -3.48 -7.89 25.32
C ALA A 363 -4.61 -6.90 25.32
N HIS A 364 -5.80 -7.37 25.68
CA HIS A 364 -6.94 -6.47 25.83
C HIS A 364 -6.72 -5.47 26.97
N GLU A 365 -6.07 -5.89 28.09
CA GLU A 365 -5.79 -4.99 29.22
C GLU A 365 -4.89 -3.84 28.76
N LEU A 366 -3.88 -4.18 27.96
CA LEU A 366 -3.07 -3.14 27.38
C LEU A 366 -3.86 -2.17 26.49
N LEU A 367 -4.61 -2.73 25.55
CA LEU A 367 -5.49 -1.96 24.71
C LEU A 367 -6.45 -1.02 25.48
N ASN A 368 -6.89 -1.48 26.66
CA ASN A 368 -7.87 -0.75 27.46
C ASN A 368 -7.24 0.34 28.29
N THR A 369 -5.91 0.23 28.54
CA THR A 369 -5.28 1.12 29.53
C THR A 369 -4.12 1.97 29.04
N LYS A 370 -3.52 1.64 27.92
CA LYS A 370 -2.24 2.27 27.53
C LYS A 370 -2.33 3.26 26.41
N LEU A 371 -3.54 3.51 25.90
CA LEU A 371 -3.61 4.31 24.68
C LEU A 371 -3.09 5.78 24.89
N GLN A 373 -0.85 7.17 26.68
CA GLN A 373 0.59 6.87 27.00
C GLN A 373 1.29 6.53 25.67
N TRP A 374 0.69 5.55 24.98
CA TRP A 374 1.30 5.19 23.68
C TRP A 374 1.26 6.35 22.72
N ALA A 375 0.19 7.16 22.78
CA ALA A 375 0.09 8.31 21.90
C ALA A 375 1.14 9.37 22.24
N GLU A 376 1.31 9.61 23.53
CA GLU A 376 2.34 10.54 24.02
C GLU A 376 3.73 10.10 23.54
N GLU A 377 3.99 8.79 23.69
CA GLU A 377 5.30 8.21 23.26
C GLU A 377 5.59 8.34 21.75
N ALA A 378 4.58 8.03 20.94
CA ALA A 378 4.72 8.17 19.51
C ALA A 378 4.93 9.61 19.13
N VAL A 379 4.17 10.52 19.73
CA VAL A 379 4.40 11.93 19.47
C VAL A 379 5.81 12.36 19.82
N ALA A 380 6.32 11.92 20.98
CA ALA A 380 7.65 12.28 21.41
C ALA A 380 8.71 11.81 20.49
N ARG A 381 8.44 10.72 19.80
CA ARG A 381 9.34 10.18 18.74
C ARG A 381 9.22 10.86 17.39
N GLY A 382 8.32 11.80 17.27
CA GLY A 382 8.12 12.52 16.02
C GLY A 382 7.31 11.78 14.97
N GLY A 383 6.57 10.74 15.34
CA GLY A 383 5.70 10.07 14.38
C GLY A 383 4.40 10.78 14.16
N PHE A 384 4.04 11.72 15.05
CA PHE A 384 2.78 12.43 14.92
C PHE A 384 2.95 13.68 15.79
N HIS A 385 2.16 14.72 15.52
CA HIS A 385 2.37 15.98 16.22
C HIS A 385 1.33 16.26 17.33
N ASN A 386 0.14 15.75 17.20
CA ASN A 386 -0.94 16.11 18.15
C ASN A 386 -1.42 14.87 18.94
N THR A 387 -1.09 14.80 20.20
CA THR A 387 -1.42 13.67 21.01
C THR A 387 -2.94 13.31 21.05
N THR A 388 -3.81 14.32 21.18
CA THR A 388 -5.28 14.08 21.19
C THR A 388 -5.75 13.43 19.87
N ALA A 389 -5.25 13.94 18.74
CA ALA A 389 -5.71 13.41 17.46
C ALA A 389 -5.20 11.99 17.25
N LEU A 390 -3.98 11.70 17.75
CA LEU A 390 -3.44 10.33 17.64
C LEU A 390 -4.26 9.42 18.54
N LEU A 391 -4.61 9.89 19.74
CA LEU A 391 -5.46 9.07 20.61
C LEU A 391 -6.80 8.64 19.96
N ILE A 392 -7.35 9.55 19.18
CA ILE A 392 -8.56 9.29 18.45
C ILE A 392 -8.36 8.14 17.42
N GLN A 393 -7.20 8.18 16.72
CA GLN A 393 -6.85 7.06 15.87
C GLN A 393 -6.80 5.75 16.65
N TYR A 394 -6.17 5.78 17.83
CA TYR A 394 -6.05 4.58 18.58
C TYR A 394 -7.40 4.07 19.16
N GLU A 395 -8.24 5.00 19.65
CA GLU A 395 -9.61 4.64 20.01
C GLU A 395 -10.37 4.05 18.83
N ASN A 396 -10.16 4.59 17.65
CA ASN A 396 -10.76 4.02 16.41
C ASN A 396 -10.29 2.53 16.23
N TYR A 397 -8.98 2.24 16.38
CA TYR A 397 -8.50 0.85 16.27
C TYR A 397 -9.11 0.01 17.37
N ARG A 398 -9.25 0.61 18.56
CA ARG A 398 -9.89 -0.18 19.68
C ARG A 398 -11.34 -0.52 19.36
N ASP A 399 -12.06 0.43 18.80
CA ASP A 399 -13.44 0.17 18.32
C ASP A 399 -13.48 -0.91 17.25
N TRP A 400 -12.58 -0.80 16.26
CA TRP A 400 -12.50 -1.86 15.26
C TRP A 400 -12.31 -3.27 15.86
N ILE A 401 -11.40 -3.40 16.82
CA ILE A 401 -11.05 -4.65 17.45
C ILE A 401 -12.19 -5.18 18.37
N VAL A 402 -12.67 -4.30 19.23
CA VAL A 402 -13.61 -4.69 20.29
C VAL A 402 -15.03 -4.71 19.77
N ASN A 403 -15.44 -3.71 18.99
CA ASN A 403 -16.85 -3.65 18.58
C ASN A 403 -17.13 -4.25 17.20
N HIS A 404 -16.10 -4.38 16.34
CA HIS A 404 -16.29 -4.94 15.01
C HIS A 404 -15.53 -6.20 14.74
N ASN A 405 -14.61 -6.59 15.66
CA ASN A 405 -13.82 -7.82 15.62
C ASN A 405 -13.11 -7.89 14.24
N VAL A 406 -12.50 -6.77 13.83
CA VAL A 406 -11.79 -6.78 12.53
C VAL A 406 -10.57 -7.70 12.58
N ALA A 407 -10.12 -8.14 11.41
CA ALA A 407 -8.85 -8.86 11.41
C ALA A 407 -7.68 -7.93 11.85
N TYR A 408 -6.82 -8.48 12.69
CA TYR A 408 -5.72 -7.82 13.28
C TYR A 408 -4.38 -8.32 12.76
N SER A 409 -4.28 -9.55 12.26
CA SER A 409 -3.04 -10.02 11.61
C SER A 409 -3.39 -10.86 10.35
N GLU A 410 -2.42 -10.95 9.45
CA GLU A 410 -2.57 -11.75 8.23
C GLU A 410 -1.45 -12.78 8.19
N LEU A 411 -1.81 -14.02 7.98
CA LEU A 411 -0.83 -15.10 7.86
C LEU A 411 -1.01 -15.63 6.43
N PHE A 412 -0.08 -15.23 5.58
CA PHE A 412 -0.17 -15.40 4.12
C PHE A 412 0.60 -16.68 3.73
N LEU A 413 -0.14 -17.65 3.18
CA LEU A 413 0.40 -18.99 2.80
C LEU A 413 0.79 -19.05 1.36
N ASP A 414 2.03 -19.47 1.12
CA ASP A 414 2.47 -19.92 -0.20
C ASP A 414 2.82 -21.37 -0.12
N THR A 415 2.50 -22.05 -1.23
CA THR A 415 2.74 -23.49 -1.37
C THR A 415 3.83 -23.72 -2.46
N ALA A 416 3.49 -24.43 -3.55
CA ALA A 416 4.38 -24.66 -4.65
C ALA A 416 5.72 -25.26 -4.16
N GLY A 417 5.60 -26.22 -3.28
CA GLY A 417 6.67 -27.08 -2.87
C GLY A 417 7.21 -26.91 -1.43
N VAL A 418 6.63 -25.97 -0.69
CA VAL A 418 6.90 -25.77 0.70
C VAL A 418 5.56 -25.38 1.35
N ALA A 419 5.55 -25.18 2.66
CA ALA A 419 4.41 -24.48 3.32
C ALA A 419 5.00 -23.27 3.99
N SER A 420 4.82 -22.09 3.37
CA SER A 420 5.54 -20.93 3.86
C SER A 420 4.56 -19.80 4.17
N PHE A 421 4.66 -19.23 5.35
CA PHE A 421 3.85 -18.12 5.79
C PHE A 421 4.66 -16.85 5.87
N ASP A 422 4.11 -15.80 5.30
CA ASP A 422 4.59 -14.46 5.60
C ASP A 422 3.53 -13.85 6.43
N VAL A 423 3.93 -13.25 7.56
CA VAL A 423 2.95 -12.96 8.59
C VAL A 423 3.09 -11.53 8.99
N TRP A 424 2.01 -10.79 9.04
CA TRP A 424 2.12 -9.41 9.57
C TRP A 424 0.93 -8.97 10.40
N ASP A 425 1.21 -8.15 11.43
CA ASP A 425 0.22 -7.44 12.20
C ASP A 425 -0.28 -6.29 11.35
N LEU A 426 -1.55 -6.36 11.04
CA LEU A 426 -2.17 -5.45 10.10
C LEU A 426 -2.38 -4.00 10.64
N LEU A 427 -2.53 -3.86 11.96
CA LEU A 427 -2.97 -2.65 12.65
C LEU A 427 -1.89 -2.17 13.65
N PRO A 428 -0.78 -1.70 13.12
CA PRO A 428 0.23 -1.13 14.04
C PRO A 428 -0.24 0.20 14.66
N PHE A 429 0.12 0.32 15.94
CA PHE A 429 -0.07 1.58 16.71
C PHE A 429 1.13 2.45 16.56
N THR A 430 2.30 1.93 16.12
CA THR A 430 3.38 2.79 15.94
C THR A 430 3.04 3.84 14.86
N ARG A 431 3.63 5.03 14.97
CA ARG A 431 3.53 6.00 13.89
C ARG A 431 4.95 6.49 13.60
N GLY A 432 5.33 6.47 12.31
CA GLY A 432 6.62 6.94 11.92
C GLY A 432 6.53 8.20 11.09
N TYR A 433 7.61 8.50 10.37
CA TYR A 433 7.70 9.67 9.58
C TYR A 433 8.60 9.45 8.37
N VAL A 434 8.45 10.34 7.42
CA VAL A 434 9.45 10.50 6.31
C VAL A 434 9.72 11.99 6.24
N HIS A 435 11.01 12.37 6.31
CA HIS A 435 11.39 13.76 6.05
C HIS A 435 12.65 13.82 5.17
N ILE A 436 12.65 14.81 4.32
CA ILE A 436 13.87 15.22 3.67
C ILE A 436 15.00 15.54 4.63
N LEU A 437 16.22 15.30 4.16
CA LEU A 437 17.43 15.60 4.96
C LEU A 437 18.35 16.57 4.22
N ASP A 438 17.91 17.10 3.08
CA ASP A 438 18.71 17.99 2.25
C ASP A 438 17.75 18.81 1.44
N LYS A 439 18.19 19.96 0.95
CA LYS A 439 17.42 20.77 0.07
C LYS A 439 17.31 20.28 -1.36
N ASP A 440 18.27 19.46 -1.82
CA ASP A 440 18.34 19.17 -3.25
C ASP A 440 17.48 17.92 -3.52
N PRO A 441 16.34 18.09 -4.24
CA PRO A 441 15.49 16.89 -4.51
C PRO A 441 16.19 15.75 -5.20
N TYR A 442 17.17 16.08 -6.05
CA TYR A 442 17.77 15.09 -6.91
C TYR A 442 18.84 14.26 -6.16
N LEU A 443 19.24 14.70 -4.97
CA LEU A 443 20.19 13.93 -4.15
C LEU A 443 19.42 12.72 -3.50
N HIS A 444 18.11 12.82 -3.33
CA HIS A 444 17.28 11.72 -2.71
C HIS A 444 17.83 11.31 -1.31
N HIS A 445 18.13 12.29 -0.49
CA HIS A 445 18.67 12.11 0.79
C HIS A 445 17.53 12.39 1.74
N PHE A 446 17.02 11.32 2.34
CA PHE A 446 15.77 11.46 3.18
C PHE A 446 15.78 10.42 4.27
N ALA A 447 15.07 10.76 5.36
CA ALA A 447 14.92 9.89 6.48
C ALA A 447 13.54 9.30 6.49
N TYR A 448 13.46 7.98 6.29
CA TYR A 448 12.19 7.24 6.26
C TYR A 448 12.26 6.31 7.42
N ASP A 449 11.44 6.61 8.47
CA ASP A 449 11.46 5.90 9.66
C ASP A 449 10.09 5.38 10.08
N PRO A 450 9.76 4.13 9.67
CA PRO A 450 8.47 3.59 10.16
C PRO A 450 8.32 3.29 11.64
N GLN A 451 9.43 3.33 12.42
CA GLN A 451 9.37 3.08 13.86
C GLN A 451 8.80 1.72 14.17
N TYR A 452 9.15 0.73 13.36
CA TYR A 452 8.68 -0.64 13.60
C TYR A 452 8.98 -1.08 14.99
N PHE A 453 8.03 -1.72 15.68
CA PHE A 453 8.20 -2.32 16.99
C PHE A 453 8.51 -1.31 18.12
N LEU A 454 8.30 -0.03 17.86
CA LEU A 454 8.51 0.96 18.92
C LEU A 454 7.26 1.17 19.78
N ASN A 455 6.19 0.44 19.44
CA ASN A 455 5.00 0.32 20.24
C ASN A 455 4.96 -1.08 20.68
N GLU A 456 4.76 -1.28 21.95
CA GLU A 456 4.80 -2.62 22.54
C GLU A 456 3.74 -3.64 22.07
N LEU A 457 2.54 -3.15 21.82
CA LEU A 457 1.53 -4.00 21.26
C LEU A 457 1.84 -4.51 19.87
N ASP A 458 2.53 -3.70 19.05
CA ASP A 458 2.93 -4.14 17.73
C ASP A 458 3.95 -5.29 17.76
N LEU A 459 4.83 -5.25 18.75
CA LEU A 459 5.84 -6.27 18.91
C LEU A 459 5.16 -7.55 19.51
N LEU A 460 4.29 -7.38 20.47
CA LEU A 460 3.59 -8.51 21.05
C LEU A 460 2.68 -9.18 19.99
N GLY A 461 1.94 -8.38 19.27
CA GLY A 461 1.00 -8.91 18.26
C GLY A 461 1.73 -9.59 17.13
N GLN A 462 2.82 -8.98 16.65
CA GLN A 462 3.62 -9.67 15.60
C GLN A 462 4.17 -10.99 16.08
N ALA A 463 4.71 -10.95 17.31
CA ALA A 463 5.28 -12.15 17.91
C ALA A 463 4.22 -13.23 18.01
N ALA A 464 3.06 -12.87 18.56
CA ALA A 464 1.97 -13.81 18.65
C ALA A 464 1.42 -14.35 17.30
N ALA A 465 1.30 -13.51 16.29
CA ALA A 465 0.91 -13.93 14.97
C ALA A 465 1.89 -14.89 14.35
N THR A 466 3.19 -14.62 14.54
CA THR A 466 4.26 -15.45 13.94
C THR A 466 4.34 -16.82 14.60
N GLN A 467 4.24 -16.82 15.90
CA GLN A 467 4.10 -18.00 16.70
C GLN A 467 2.86 -18.78 16.25
N LEU A 468 1.75 -18.10 15.97
CA LEU A 468 0.56 -18.79 15.51
C LEU A 468 0.78 -19.49 14.19
N ALA A 469 1.58 -18.88 13.33
CA ALA A 469 1.91 -19.48 12.04
C ALA A 469 2.66 -20.77 12.17
N ARG A 470 3.58 -20.79 13.13
CA ARG A 470 4.31 -22.04 13.45
C ARG A 470 3.30 -23.05 14.02
N ASN A 471 2.45 -22.56 14.91
CA ASN A 471 1.48 -23.47 15.55
C ASN A 471 0.56 -24.18 14.50
N ILE A 472 -0.05 -23.39 13.62
CA ILE A 472 -1.02 -23.90 12.67
C ILE A 472 -0.35 -24.83 11.62
N SER A 473 0.96 -24.59 11.34
CA SER A 473 1.67 -25.33 10.37
C SER A 473 1.78 -26.81 10.76
N ASN A 474 1.68 -27.12 12.04
CA ASN A 474 1.71 -28.48 12.55
C ASN A 474 0.51 -28.79 13.44
N SER A 475 -0.64 -28.32 12.98
CA SER A 475 -1.93 -28.57 13.61
C SER A 475 -2.91 -29.21 12.68
N GLY A 476 -3.72 -30.13 13.23
CA GLY A 476 -4.81 -30.70 12.45
C GLY A 476 -4.34 -31.25 11.12
N ALA A 477 -5.11 -30.95 10.09
CA ALA A 477 -4.87 -31.40 8.74
C ALA A 477 -3.48 -31.03 8.19
N MET A 478 -2.93 -29.96 8.70
CA MET A 478 -1.57 -29.51 8.25
C MET A 478 -0.52 -30.54 8.61
N GLN A 479 -0.78 -31.35 9.66
CA GLN A 479 0.17 -32.43 10.06
C GLN A 479 0.34 -33.45 8.99
N THR A 480 -0.64 -33.61 8.12
CA THR A 480 -0.54 -34.47 6.97
C THR A 480 0.68 -34.16 6.10
N TYR A 481 0.97 -32.87 5.96
CA TYR A 481 2.01 -32.43 5.02
C TYR A 481 3.27 -31.92 5.64
N PHE A 482 3.24 -31.59 6.93
CA PHE A 482 4.36 -31.04 7.69
C PHE A 482 5.52 -32.00 7.71
N ALA A 483 6.66 -31.56 7.20
CA ALA A 483 7.84 -32.41 7.15
C ALA A 483 9.06 -31.77 7.84
N GLY A 484 8.77 -30.87 8.76
CA GLY A 484 9.74 -30.26 9.69
C GLY A 484 9.95 -28.78 9.29
N GLU A 485 10.17 -27.96 10.30
CA GLU A 485 10.29 -26.55 10.10
C GLU A 485 11.69 -26.17 9.55
N THR A 486 11.75 -25.24 8.61
CA THR A 486 13.03 -24.78 8.08
C THR A 486 13.31 -23.33 8.42
N ILE A 487 12.29 -22.55 8.68
CA ILE A 487 12.42 -21.17 9.14
C ILE A 487 11.34 -20.90 10.21
N PRO A 488 11.68 -20.42 11.44
CA PRO A 488 13.08 -20.23 11.99
C PRO A 488 13.95 -21.49 12.00
N GLY A 489 13.32 -22.69 12.08
CA GLY A 489 14.07 -23.91 12.12
C GLY A 489 14.95 -23.94 13.37
N ASP A 490 16.22 -24.23 13.13
CA ASP A 490 17.26 -24.19 14.18
C ASP A 490 17.53 -22.83 14.78
N ASN A 491 17.03 -21.75 14.21
CA ASN A 491 17.24 -20.48 14.79
C ASN A 491 16.36 -20.10 15.96
N LEU A 492 15.30 -20.88 16.23
CA LEU A 492 14.46 -20.56 17.38
C LEU A 492 13.82 -21.87 17.85
N ALA A 493 14.05 -22.22 19.10
CA ALA A 493 13.50 -23.49 19.59
C ALA A 493 12.04 -23.59 19.24
N TYR A 494 11.65 -24.82 18.95
CA TYR A 494 10.38 -25.13 18.43
C TYR A 494 9.30 -24.94 19.49
N ASP A 495 9.69 -25.01 20.75
CA ASP A 495 8.75 -24.77 21.84
C ASP A 495 8.86 -23.37 22.40
N ALA A 496 9.44 -22.44 21.66
CA ALA A 496 9.58 -21.06 22.15
C ALA A 496 8.27 -20.47 22.56
N ASP A 497 8.34 -19.72 23.65
CA ASP A 497 7.16 -19.02 24.12
C ASP A 497 7.09 -17.62 23.56
N LEU A 498 6.02 -16.90 23.90
CA LEU A 498 5.76 -15.59 23.33
C LEU A 498 6.90 -14.62 23.62
N SER A 499 7.39 -14.65 24.85
CA SER A 499 8.55 -13.85 25.25
C SER A 499 9.75 -14.11 24.34
N ALA A 500 9.99 -15.38 24.03
CA ALA A 500 11.15 -15.73 23.23
C ALA A 500 10.94 -15.20 21.76
N TRP A 501 9.69 -15.31 21.30
CA TRP A 501 9.32 -14.79 19.97
C TRP A 501 9.54 -13.25 19.94
N THR A 502 9.16 -12.52 21.02
CA THR A 502 9.44 -11.07 21.03
C THR A 502 10.88 -10.71 20.90
N GLU A 503 11.75 -11.56 21.46
CA GLU A 503 13.19 -11.35 21.33
C GLU A 503 13.74 -11.67 19.98
N TYR A 504 13.17 -12.67 19.31
CA TYR A 504 13.54 -13.09 17.98
C TYR A 504 13.13 -12.15 16.86
N ILE A 505 11.91 -11.64 16.94
CA ILE A 505 11.26 -10.99 15.79
C ILE A 505 11.96 -9.76 15.26
N PRO A 506 12.53 -8.91 16.21
CA PRO A 506 13.22 -7.71 15.70
C PRO A 506 14.38 -7.95 14.78
N TYR A 507 14.99 -9.13 14.88
CA TYR A 507 16.09 -9.52 14.06
C TYR A 507 15.69 -10.40 12.82
N HIS A 508 14.42 -10.59 12.61
CA HIS A 508 13.93 -11.46 11.55
C HIS A 508 12.66 -10.92 10.98
N PHE A 509 12.67 -9.65 10.55
CA PHE A 509 11.47 -9.12 9.89
C PHE A 509 11.88 -8.26 8.73
N ARG A 510 10.90 -7.96 7.88
CA ARG A 510 11.06 -6.97 6.85
C ARG A 510 9.89 -6.00 6.83
N PRO A 511 10.07 -4.85 6.19
CA PRO A 511 8.92 -4.04 5.89
C PRO A 511 7.90 -4.81 5.07
N ASN A 512 6.60 -4.54 5.25
CA ASN A 512 5.60 -5.08 4.43
C ASN A 512 5.35 -4.30 3.18
N TYR A 513 5.93 -3.12 3.05
CA TYR A 513 5.73 -2.34 1.83
C TYR A 513 4.32 -1.86 1.61
N HIS A 514 3.57 -1.59 2.67
CA HIS A 514 2.18 -1.06 2.59
C HIS A 514 2.13 0.30 3.26
N GLY A 515 3.21 1.10 3.19
CA GLY A 515 3.25 2.40 3.87
C GLY A 515 2.15 3.33 3.41
N VAL A 516 1.35 3.81 4.35
CA VAL A 516 0.38 4.83 4.11
C VAL A 516 0.53 5.96 5.11
N GLY A 517 -0.14 7.04 4.79
CA GLY A 517 -0.44 8.09 5.80
C GLY A 517 0.38 9.33 5.81
N THR A 518 1.38 9.37 4.97
CA THR A 518 2.36 10.43 5.01
C THR A 518 1.86 11.78 4.52
N CYS A 519 0.78 11.81 3.77
CA CYS A 519 -0.03 13.02 3.50
C CYS A 519 -1.50 12.71 3.80
N SER A 520 -1.79 12.49 5.07
CA SER A 520 -3.06 11.97 5.52
C SER A 520 -4.27 12.80 5.09
N MET A 521 -5.28 12.08 4.56
CA MET A 521 -6.57 12.71 4.21
C MET A 521 -7.37 12.64 5.52
N MET A 522 -7.33 13.74 6.24
CA MET A 522 -8.12 13.94 7.46
C MET A 522 -8.06 15.47 7.74
N PRO A 523 -8.98 15.99 8.54
CA PRO A 523 -9.03 17.39 8.83
C PRO A 523 -7.67 17.88 9.27
N LYS A 524 -7.39 19.12 8.88
CA LYS A 524 -6.14 19.76 9.28
C LYS A 524 -5.89 19.70 10.81
N GLU A 525 -6.90 19.89 11.64
CA GLU A 525 -6.70 19.92 13.13
C GLU A 525 -6.47 18.56 13.73
N MET A 526 -6.90 17.59 13.03
CA MET A 526 -6.56 16.22 13.29
C MET A 526 -5.16 15.84 12.78
N GLY A 527 -4.38 16.71 12.20
CA GLY A 527 -3.06 16.28 11.62
C GLY A 527 -3.08 15.97 10.17
N GLY A 528 -4.16 16.32 9.45
CA GLY A 528 -4.24 16.00 8.04
C GLY A 528 -3.42 16.92 7.14
N VAL A 529 -3.13 16.42 5.93
CA VAL A 529 -2.43 17.22 4.89
C VAL A 529 -3.40 17.55 3.77
N VAL A 530 -4.39 16.68 3.50
CA VAL A 530 -5.31 16.87 2.37
C VAL A 530 -6.76 16.76 2.85
N ASP A 531 -7.64 17.46 2.13
CA ASP A 531 -9.08 17.46 2.44
C ASP A 531 -9.72 16.25 1.76
N ASN A 532 -11.06 16.16 1.84
CA ASN A 532 -11.76 14.97 1.29
C ASN A 532 -11.85 14.96 -0.20
N ALA A 533 -11.25 15.93 -0.86
CA ALA A 533 -11.02 15.85 -2.32
C ALA A 533 -9.54 15.78 -2.68
N ALA A 534 -8.72 15.40 -1.69
CA ALA A 534 -7.29 15.19 -1.85
C ALA A 534 -6.55 16.50 -2.10
N ARG A 535 -7.12 17.63 -1.69
CA ARG A 535 -6.46 18.93 -1.92
C ARG A 535 -5.58 19.31 -0.74
N VAL A 536 -4.34 19.68 -1.02
CA VAL A 536 -3.45 20.10 0.02
C VAL A 536 -3.96 21.39 0.69
N TYR A 537 -4.07 21.40 2.01
CA TYR A 537 -4.59 22.52 2.76
C TYR A 537 -3.74 23.77 2.50
N GLY A 538 -4.40 24.86 2.14
CA GLY A 538 -3.73 26.15 2.00
C GLY A 538 -3.04 26.39 0.69
N VAL A 539 -3.21 25.47 -0.30
CA VAL A 539 -2.63 25.63 -1.61
C VAL A 539 -3.69 25.43 -2.66
N GLN A 540 -3.74 26.32 -3.65
CA GLN A 540 -4.64 26.11 -4.78
C GLN A 540 -3.99 25.27 -5.88
N GLY A 541 -4.79 24.39 -6.47
CA GLY A 541 -4.41 23.63 -7.62
C GLY A 541 -3.40 22.55 -7.32
N LEU A 542 -3.45 21.99 -6.13
CA LEU A 542 -2.41 20.99 -5.71
C LEU A 542 -3.10 19.86 -4.93
N ARG A 543 -2.98 18.62 -5.39
CA ARG A 543 -3.50 17.50 -4.74
C ARG A 543 -2.44 16.45 -4.52
N VAL A 544 -2.65 15.62 -3.49
CA VAL A 544 -1.85 14.42 -3.29
C VAL A 544 -2.88 13.30 -3.35
N ILE A 545 -2.65 12.34 -4.24
CA ILE A 545 -3.71 11.41 -4.59
C ILE A 545 -3.42 9.93 -4.44
N ASP A 546 -2.28 9.60 -3.87
CA ASP A 546 -1.67 8.25 -3.92
C ASP A 546 -1.77 7.62 -2.49
N GLY A 547 -0.99 6.59 -2.23
CA GLY A 547 -1.01 5.87 -0.95
C GLY A 547 -0.48 6.67 0.19
N SER A 548 0.00 7.90 -0.05
CA SER A 548 0.28 8.84 1.04
C SER A 548 -0.97 9.14 1.86
N ILE A 549 -2.18 9.12 1.22
CA ILE A 549 -3.39 9.77 1.76
C ILE A 549 -4.29 8.97 2.73
N PRO A 550 -4.35 7.65 2.57
CA PRO A 550 -5.12 6.92 3.60
C PRO A 550 -4.69 7.22 5.05
N PRO A 551 -5.67 7.61 5.93
CA PRO A 551 -5.22 8.04 7.30
C PRO A 551 -5.02 6.86 8.24
N THR A 552 -5.43 5.64 7.81
CA THR A 552 -5.32 4.47 8.62
C THR A 552 -4.79 3.33 7.74
N GLN A 553 -4.32 2.29 8.41
CA GLN A 553 -4.20 1.00 7.76
C GLN A 553 -5.57 0.36 7.50
N VAL A 554 -5.53 -0.74 6.79
CA VAL A 554 -6.69 -1.51 6.50
C VAL A 554 -6.40 -3.00 6.56
N SER A 555 -7.39 -3.82 6.88
CA SER A 555 -7.22 -5.24 6.97
C SER A 555 -7.38 -5.82 5.55
N SER A 556 -6.40 -5.50 4.67
CA SER A 556 -6.59 -5.78 3.29
C SER A 556 -5.29 -5.63 2.57
N HIS A 557 -5.28 -6.12 1.35
CA HIS A 557 -4.26 -5.70 0.41
C HIS A 557 -4.77 -4.43 -0.24
N VAL A 558 -3.93 -3.47 -0.59
CA VAL A 558 -4.41 -2.06 -0.77
C VAL A 558 -4.80 -1.73 -2.25
N MET A 559 -4.48 -2.56 -3.22
CA MET A 559 -4.80 -2.17 -4.61
C MET A 559 -6.31 -1.86 -4.81
N THR A 560 -7.20 -2.68 -4.26
CA THR A 560 -8.61 -2.47 -4.47
C THR A 560 -8.97 -1.05 -3.97
N VAL A 561 -8.37 -0.64 -2.88
CA VAL A 561 -8.64 0.68 -2.30
C VAL A 561 -8.06 1.77 -3.16
N PHE A 562 -6.83 1.61 -3.61
CA PHE A 562 -6.15 2.68 -4.41
C PHE A 562 -6.75 2.87 -5.80
N TYR A 563 -7.18 1.83 -6.52
CA TYR A 563 -7.82 2.07 -7.77
C TYR A 563 -9.12 2.80 -7.51
N ALA A 564 -9.86 2.38 -6.51
CA ALA A 564 -11.13 3.07 -6.15
C ALA A 564 -10.93 4.54 -5.83
N MET A 565 -10.00 4.81 -4.98
CA MET A 565 -9.70 6.20 -4.60
C MET A 565 -9.20 7.08 -5.75
N ALA A 566 -8.42 6.54 -6.69
CA ALA A 566 -8.04 7.27 -7.86
C ALA A 566 -9.26 7.68 -8.74
N LEU A 567 -10.18 6.72 -8.93
CA LEU A 567 -11.41 7.01 -9.64
C LEU A 567 -12.26 8.08 -8.90
N LYS A 568 -12.36 7.97 -7.60
CA LYS A 568 -13.21 8.89 -6.80
C LYS A 568 -12.61 10.30 -6.89
N ILE A 569 -11.29 10.42 -6.68
CA ILE A 569 -10.63 11.70 -6.77
C ILE A 569 -10.68 12.27 -8.22
N SER A 570 -10.51 11.44 -9.22
CA SER A 570 -10.59 11.90 -10.59
C SER A 570 -11.95 12.53 -10.90
N ASP A 571 -13.00 12.03 -10.32
CA ASP A 571 -14.31 12.64 -10.56
C ASP A 571 -14.36 13.97 -9.89
N ALA A 572 -13.78 14.08 -8.71
CA ALA A 572 -13.73 15.37 -8.00
C ALA A 572 -12.96 16.41 -8.84
N ILE A 573 -11.82 15.99 -9.35
CA ILE A 573 -11.06 16.86 -10.22
C ILE A 573 -11.85 17.35 -11.48
N LEU A 574 -12.58 16.41 -12.10
CA LEU A 574 -13.37 16.70 -13.32
C LEU A 574 -14.58 17.57 -12.98
N GLU A 575 -15.13 17.37 -11.78
CA GLU A 575 -16.23 18.23 -11.31
C GLU A 575 -15.74 19.70 -11.23
N ASP A 576 -14.53 19.88 -10.73
CA ASP A 576 -13.94 21.17 -10.61
C ASP A 576 -13.57 21.75 -11.98
N TYR A 577 -13.06 20.95 -12.88
CA TYR A 577 -12.78 21.43 -14.19
C TYR A 577 -14.10 21.92 -14.84
N ALA A 578 -15.16 21.11 -14.71
CA ALA A 578 -16.44 21.41 -15.37
C ALA A 578 -17.07 22.66 -14.77
N SER A 579 -16.77 22.96 -13.51
CA SER A 579 -17.22 24.19 -12.89
C SER A 579 -16.08 25.22 -12.87
C1 NAG B . 21.43 0.56 19.19
C2 NAG B . 21.03 -0.31 20.39
C3 NAG B . 20.82 0.52 21.63
C4 NAG B . 22.13 1.22 21.92
C5 NAG B . 22.61 1.97 20.68
C6 NAG B . 24.02 2.49 20.79
C7 NAG B . 19.55 -2.19 19.82
C8 NAG B . 18.13 -2.64 19.43
N2 NAG B . 19.76 -0.88 20.04
O3 NAG B . 20.33 -0.22 22.81
O4 NAG B . 21.84 2.20 22.96
O5 NAG B . 22.67 1.16 19.52
O6 NAG B . 24.21 3.43 19.75
O7 NAG B . 20.47 -2.98 19.85
C1 NAG B . 22.69 2.13 24.09
C2 NAG B . 22.35 3.35 24.95
C3 NAG B . 23.19 3.23 26.22
C4 NAG B . 23.00 1.86 26.87
C5 NAG B . 23.21 0.70 25.84
C6 NAG B . 22.93 -0.66 26.37
C7 NAG B . 23.68 5.06 23.69
C8 NAG B . 23.68 6.45 23.08
N2 NAG B . 22.52 4.63 24.25
O3 NAG B . 22.81 4.27 27.11
O4 NAG B . 24.05 1.65 27.83
O5 NAG B . 22.43 0.90 24.70
O6 NAG B . 23.29 -1.73 25.45
O7 NAG B . 24.79 4.51 23.71
C1 BMA B . 23.52 1.74 29.19
C2 BMA B . 24.15 0.81 30.19
C3 BMA B . 23.43 1.05 31.57
C4 BMA B . 23.39 2.53 31.99
C5 BMA B . 22.87 3.40 30.85
C6 BMA B . 22.91 4.88 31.29
O2 BMA B . 25.55 1.07 30.13
O3 BMA B . 23.88 0.25 32.70
O4 BMA B . 22.52 2.68 33.13
O5 BMA B . 23.69 3.05 29.67
O6 BMA B . 22.03 5.71 30.49
PA FAD C . 3.20 3.50 -6.85
O1A FAD C . 4.38 3.10 -6.01
O2A FAD C . 2.38 2.42 -7.57
O5B FAD C . 3.62 4.59 -7.92
C5B FAD C . 4.45 5.67 -7.66
C4B FAD C . 5.19 6.01 -8.94
O4B FAD C . 5.95 7.23 -8.81
C3B FAD C . 6.24 4.91 -9.30
O3B FAD C . 6.03 4.48 -10.65
C2B FAD C . 7.61 5.57 -9.07
O2B FAD C . 8.70 5.17 -9.95
C1B FAD C . 7.28 7.00 -9.37
N9A FAD C . 8.17 7.97 -8.81
C8A FAD C . 8.84 7.95 -7.62
N7A FAD C . 9.41 9.12 -7.38
C5A FAD C . 9.08 9.95 -8.47
C6A FAD C . 9.37 11.32 -8.83
N6A FAD C . 10.04 12.12 -7.92
N1A FAD C . 8.85 11.86 -9.94
C2A FAD C . 8.28 11.09 -10.82
N3A FAD C . 7.92 9.78 -10.59
C4A FAD C . 8.29 9.17 -9.43
N1 FAD C . -0.90 -4.37 -3.11
C2 FAD C . -1.95 -5.34 -3.19
O2 FAD C . -3.15 -5.00 -3.26
N3 FAD C . -1.62 -6.66 -3.22
C4 FAD C . -0.38 -7.18 -3.16
O4 FAD C . -0.11 -8.39 -3.26
C4X FAD C . 0.73 -6.22 -3.01
N5 FAD C . 2.02 -6.65 -2.86
C5X FAD C . 3.04 -5.72 -2.85
C6 FAD C . 4.40 -6.10 -2.82
C7 FAD C . 5.46 -5.23 -2.88
C7M FAD C . 6.84 -5.71 -2.90
C8 FAD C . 5.10 -3.78 -2.99
C8M FAD C . 6.24 -2.79 -3.05
C9 FAD C . 3.79 -3.34 -2.97
C9A FAD C . 2.71 -4.26 -2.93
N10 FAD C . 1.35 -3.86 -3.00
C10 FAD C . 0.35 -4.79 -3.03
C1' FAD C . 0.96 -2.51 -2.90
C2' FAD C . 0.72 -1.66 -4.09
O2' FAD C . 1.45 -2.26 -5.10
C3' FAD C . 1.05 -0.18 -3.75
O3' FAD C . 0.40 0.22 -2.56
C4' FAD C . 0.48 0.68 -4.86
O4' FAD C . 1.10 0.36 -6.12
C5' FAD C . 0.78 2.14 -4.52
O5' FAD C . 0.21 2.96 -5.52
P FAD C . 0.69 4.50 -5.64
O1P FAD C . 0.13 5.04 -6.92
O2P FAD C . 0.52 5.14 -4.28
O3P FAD C . 2.29 4.34 -5.88
O1 OXY D . -0.78 -5.50 -0.39
O2 OXY D . -1.20 -4.39 0.07
C1 NAG E . -22.52 -12.23 -1.20
C2 NAG E . -22.72 -12.58 0.29
C3 NAG E . -23.96 -11.93 0.95
C4 NAG E . -23.74 -10.44 0.63
C5 NAG E . -23.73 -10.23 -0.89
C6 NAG E . -23.84 -8.75 -1.31
C7 NAG E . -21.65 -14.67 0.86
C8 NAG E . -21.78 -16.16 1.19
N2 NAG E . -22.78 -14.00 0.53
O3 NAG E . -23.77 -12.08 2.37
O4 NAG E . -24.76 -9.70 1.26
O5 NAG E . -22.53 -10.77 -1.31
O6 NAG E . -22.69 -8.20 -0.74
O7 NAG E . -20.53 -14.11 0.86
C1 NAG F . -7.24 33.43 -7.19
C2 NAG F . -8.74 33.13 -6.90
C3 NAG F . -9.40 32.18 -7.92
C4 NAG F . -8.79 32.21 -9.32
C5 NAG F . -7.28 32.03 -9.14
C6 NAG F . -6.44 31.72 -10.39
C7 NAG F . -8.49 32.94 -4.40
C8 NAG F . -9.24 32.43 -3.21
N2 NAG F . -9.15 32.74 -5.56
O3 NAG F . -10.77 32.57 -7.96
O4 NAG F . -9.35 31.21 -10.19
O5 NAG F . -6.92 33.27 -8.57
O6 NAG F . -5.81 30.39 -10.34
O7 NAG F . -7.37 33.44 -4.28
C1 NAG G . -11.84 -11.75 23.02
C2 NAG G . -13.34 -11.95 23.11
C3 NAG G . -13.89 -11.23 24.36
C4 NAG G . -13.27 -11.67 25.65
C5 NAG G . -11.76 -11.52 25.44
C6 NAG G . -11.10 -12.24 26.62
C7 NAG G . -14.49 -11.87 20.98
C8 NAG G . -14.95 -10.94 19.89
N2 NAG G . -13.87 -11.26 21.97
O3 NAG G . -15.32 -11.29 24.30
O4 NAG G . -13.58 -10.75 26.74
O5 NAG G . -11.22 -12.10 24.23
O6 NAG G . -9.81 -11.67 26.62
O7 NAG G . -14.69 -13.11 20.98
C1 NAG H . -5.41 18.36 18.14
C2 NAG H . -6.00 19.66 17.65
C3 NAG H . -7.37 20.03 18.14
C4 NAG H . -8.23 18.82 17.81
C5 NAG H . -7.60 17.52 18.32
C6 NAG H . -8.40 16.31 17.94
C7 NAG H . -4.58 21.52 17.16
C8 NAG H . -3.53 22.46 17.67
N2 NAG H . -5.05 20.64 18.07
O3 NAG H . -7.81 21.26 17.50
O4 NAG H . -9.47 19.01 18.48
O5 NAG H . -6.26 17.34 17.83
O6 NAG H . -8.58 16.13 16.52
O7 NAG H . -5.02 21.57 15.97
C1 NAG I . -0.50 -24.93 19.25
C2 NAG I . 0.59 -25.87 19.75
C3 NAG I . 0.02 -26.87 20.73
C4 NAG I . -0.64 -26.10 21.90
C5 NAG I . -1.69 -25.15 21.33
C6 NAG I . -2.34 -24.28 22.41
C7 NAG I . 2.26 -26.32 18.04
C8 NAG I . 2.63 -27.17 16.88
N2 NAG I . 1.11 -26.63 18.61
O3 NAG I . 1.10 -27.79 21.03
O4 NAG I . -1.29 -26.99 22.82
O5 NAG I . -1.17 -24.27 20.29
O6 NAG I . -3.72 -24.67 22.43
O7 NAG I . 3.00 -25.42 18.43
C1 DIO J . -19.11 -5.48 -3.57
C2 DIO J . -20.20 -5.46 -1.60
C1' DIO J . -18.16 -4.38 -3.25
C2' DIO J . -19.22 -4.36 -1.15
O1 DIO J . -20.40 -5.27 -3.01
O1' DIO J . -17.98 -4.55 -1.86
C1 DIO K . -13.26 8.20 17.74
C2 DIO K . -14.32 6.07 18.07
C1' DIO K . -13.03 8.56 19.17
C2' DIO K . -13.82 6.24 19.50
O1 DIO K . -13.23 6.80 17.53
O1' DIO K . -13.72 7.61 19.94
C1 DIO L . -6.80 -30.09 -5.22
C2 DIO L . -8.79 -30.61 -4.27
C1' DIO L . -6.08 -29.98 -3.90
C2' DIO L . -8.08 -30.64 -2.89
O1 DIO L . -8.13 -29.65 -5.10
O1' DIO L . -6.67 -30.91 -2.97
C1 DIO M . -2.95 -10.55 -21.69
C2 DIO M . -1.02 -9.86 -22.98
C1' DIO M . -3.90 -9.94 -22.70
C2' DIO M . -2.01 -8.94 -23.73
O1 DIO M . -1.69 -10.93 -22.25
O1' DIO M . -3.29 -8.71 -23.08
C1 DIO N . -5.38 -18.01 -22.28
C2 DIO N . -6.19 -19.92 -21.05
C1' DIO N . -4.02 -18.65 -22.16
C2' DIO N . -4.95 -19.67 -20.18
O1 DIO N . -6.33 -19.06 -22.19
O1' DIO N . -3.78 -19.22 -20.86
C1 DIO O . -9.32 12.12 23.13
C2 DIO O . -11.28 13.16 23.61
C1' DIO O . -10.13 10.87 22.82
C2' DIO O . -12.10 12.03 23.04
O1 DIO O . -10.09 13.26 22.84
O1' DIO O . -11.42 10.87 23.45
C1 DIO P . -22.56 -19.28 6.51
C2 DIO P . -20.82 -17.66 6.11
C1' DIO P . -22.66 -19.46 4.94
C2' DIO P . -20.50 -18.27 4.74
O1 DIO P . -21.29 -18.79 6.90
O1' DIO P . -21.70 -18.77 4.09
C1 DIO Q . -21.96 -20.80 -4.40
C2 DIO Q . -20.71 -19.09 -5.59
C1' DIO Q . -22.67 -21.25 -5.69
C2' DIO Q . -21.42 -19.49 -6.87
O1 DIO Q . -20.68 -20.29 -4.77
O1' DIO Q . -22.72 -20.13 -6.59
C1 DIO R . -14.45 0.05 -0.32
C2 DIO R . -12.05 0.48 -0.84
C1' DIO R . -14.19 -1.28 -0.97
C2' DIO R . -11.93 -0.96 -1.31
O1 DIO R . -13.28 0.85 -0.14
O1' DIO R . -13.10 -1.38 -1.90
C1 DIO S . -8.96 23.76 -8.80
C2 DIO S . -7.82 24.60 -10.79
C1' DIO S . -7.82 24.53 -8.11
C2' DIO S . -7.22 25.73 -9.97
O1 DIO S . -8.97 23.95 -10.21
O1' DIO S . -7.77 25.84 -8.68
C1 DIO T . 6.51 31.49 -10.80
C2 DIO T . 8.06 30.59 -9.32
C1' DIO T . 6.77 30.34 -11.80
C2' DIO T . 8.24 29.38 -10.21
O1 DIO T . 6.71 31.03 -9.47
O1' DIO T . 8.00 29.66 -11.57
C1 DIO U . 3.84 19.07 -22.94
C2 DIO U . 4.29 18.78 -25.21
C1' DIO U . 3.42 17.61 -22.88
C2' DIO U . 3.73 17.36 -25.21
O1 DIO U . 3.59 19.58 -24.25
O1' DIO U . 2.82 17.22 -24.11
C1 PEG V . 19.16 0.48 -6.42
O1 PEG V . 18.88 1.66 -5.67
C2 PEG V . 18.57 0.49 -7.80
O2 PEG V . 19.45 -0.12 -8.72
C3 PEG V . 19.19 0.47 -10.01
C4 PEG V . 20.27 1.25 -10.73
O4 PEG V . 19.66 2.10 -11.75
C1 PEG W . 5.25 -14.67 -19.43
O1 PEG W . 5.14 -14.06 -18.17
C2 PEG W . 4.72 -13.74 -20.52
O2 PEG W . 5.81 -13.67 -21.42
C3 PEG W . 6.45 -12.40 -21.52
C4 PEG W . 5.82 -11.61 -22.67
O4 PEG W . 6.62 -10.51 -23.10
O1 P4C X . 22.03 28.37 -7.85
C2 P4C X . 21.83 27.05 -7.33
C3 P4C X . 20.77 27.14 -6.26
O4 P4C X . 20.00 25.96 -6.29
C5 P4C X . 19.74 25.31 -5.01
C6 P4C X . 18.67 24.24 -5.13
O7 P4C X . 19.01 22.93 -4.68
C8 P4C X . 19.46 22.83 -3.31
C9 P4C X . 20.92 22.57 -3.47
O10 P4C X . 21.62 22.02 -2.44
C11 P4C X . 22.91 21.45 -2.77
C12 P4C X . 23.78 22.22 -3.74
O13 P4C X . 25.21 22.11 -3.55
C14 P4C X . 26.02 22.90 -4.42
C15 P4C X . 25.59 22.99 -5.87
O16 P4C X . 26.74 23.28 -6.66
C17 P4C X . 26.75 24.43 -7.53
C18 P4C X . 25.46 24.65 -8.34
O19 P4C X . 24.91 23.41 -8.78
C20 P4C X . 24.18 23.49 -10.03
C21 P4C X . 22.88 24.27 -9.94
O22 P4C X . 22.86 25.48 -9.96
O1 P4C Y . 20.09 9.86 8.91
C2 P4C Y . 19.03 8.98 8.43
C3 P4C Y . 19.58 8.24 7.24
O4 P4C Y . 18.72 7.89 6.15
C5 P4C Y . 19.42 7.38 4.97
C6 P4C Y . 20.28 6.26 5.50
O7 P4C Y . 20.79 5.14 4.84
C8 P4C Y . 22.11 4.68 5.33
C9 P4C Y . 22.36 4.52 6.81
O10 P4C Y . 23.70 4.64 7.39
C11 P4C Y . 24.41 5.93 7.49
C12 P4C Y . 23.93 6.79 8.68
O13 P4C Y . 24.48 8.13 8.83
C14 P4C Y . 23.54 9.23 9.11
C15 P4C Y . 22.88 9.53 7.74
O16 P4C Y . 22.01 10.61 7.34
C17 P4C Y . 22.23 11.94 7.93
C18 P4C Y . 23.01 12.89 7.01
O19 P4C Y . 22.48 14.24 6.90
C20 P4C Y . 22.89 15.00 5.80
C21 P4C Y . 23.93 16.06 6.04
O22 P4C Y . 24.06 16.93 5.17
#